data_2KK9
# 
_entry.id   2KK9 
# 
_audit_conform.dict_name       mmcif_pdbx.dic 
_audit_conform.dict_version    5.399 
_audit_conform.dict_location   http://mmcif.pdb.org/dictionaries/ascii/mmcif_pdbx.dic 
# 
loop_
_database_2.database_id 
_database_2.database_code 
_database_2.pdbx_database_accession 
_database_2.pdbx_DOI 
PDB   2KK9         pdb_00002kk9 10.2210/pdb2kk9/pdb 
RCSB  RCSB101224   ?            ?                   
WWPDB D_1000101224 ?            ?                   
# 
loop_
_pdbx_audit_revision_history.ordinal 
_pdbx_audit_revision_history.data_content_type 
_pdbx_audit_revision_history.major_revision 
_pdbx_audit_revision_history.minor_revision 
_pdbx_audit_revision_history.revision_date 
1 'Structure model' 1 0 2010-06-16 
2 'Structure model' 1 1 2011-07-13 
3 'Structure model' 1 2 2024-11-20 
# 
_pdbx_audit_revision_details.ordinal             1 
_pdbx_audit_revision_details.revision_ordinal    1 
_pdbx_audit_revision_details.data_content_type   'Structure model' 
_pdbx_audit_revision_details.provider            repository 
_pdbx_audit_revision_details.type                'Initial release' 
_pdbx_audit_revision_details.description         ? 
_pdbx_audit_revision_details.details             ? 
# 
loop_
_pdbx_audit_revision_group.ordinal 
_pdbx_audit_revision_group.revision_ordinal 
_pdbx_audit_revision_group.data_content_type 
_pdbx_audit_revision_group.group 
1 2 'Structure model' 'Version format compliance' 
2 3 'Structure model' 'Data collection'           
3 3 'Structure model' 'Database references'       
4 3 'Structure model' 'Derived calculations'      
5 3 'Structure model' 'Structure summary'         
# 
loop_
_pdbx_audit_revision_category.ordinal 
_pdbx_audit_revision_category.revision_ordinal 
_pdbx_audit_revision_category.data_content_type 
_pdbx_audit_revision_category.category 
1 3 'Structure model' chem_comp_atom            
2 3 'Structure model' chem_comp_bond            
3 3 'Structure model' database_2                
4 3 'Structure model' pdbx_entry_details        
5 3 'Structure model' pdbx_modification_feature 
6 3 'Structure model' pdbx_nmr_software         
7 3 'Structure model' struct_conn               
8 3 'Structure model' struct_ref_seq_dif        
# 
loop_
_pdbx_audit_revision_item.ordinal 
_pdbx_audit_revision_item.revision_ordinal 
_pdbx_audit_revision_item.data_content_type 
_pdbx_audit_revision_item.item 
1 3 'Structure model' '_database_2.pdbx_DOI'                
2 3 'Structure model' '_database_2.pdbx_database_accession' 
3 3 'Structure model' '_pdbx_nmr_software.name'             
4 3 'Structure model' '_struct_conn.pdbx_leaving_atom_flag' 
5 3 'Structure model' '_struct_ref_seq_dif.details'         
# 
_pdbx_database_status.deposit_site                    BMRB 
_pdbx_database_status.entry_id                        2KK9 
_pdbx_database_status.process_site                    RCSB 
_pdbx_database_status.recvd_initial_deposition_date   2009-06-16 
_pdbx_database_status.SG_entry                        ? 
_pdbx_database_status.status_code                     REL 
_pdbx_database_status.status_code_mr                  REL 
_pdbx_database_status.status_code_sf                  ? 
_pdbx_database_status.status_code_cs                  ? 
_pdbx_database_status.pdb_format_compatible           Y 
_pdbx_database_status.status_code_nmr_data            ? 
_pdbx_database_status.methods_development_category    ? 
# 
loop_
_audit_author.name 
_audit_author.pdbx_ordinal 
'Guilherme, L.'   1 
'Alba, M.P.'      2 
'Patarroyo, M.E.' 3 
'Kalil, J.'       4 
# 
_citation.id                        primary 
_citation.title                     
'Anti-Group A Streptococcal Vaccine Epitope: STRUCTURE, STABILITY, AND ITS ABILITY TO INTERACT WITH HLA CLASS II MOLECULES.' 
_citation.journal_abbrev            J.Biol.Chem. 
_citation.journal_volume            286 
_citation.page_first                6989 
_citation.page_last                 6998 
_citation.year                      2011 
_citation.journal_id_ASTM           JBCHA3 
_citation.country                   US 
_citation.journal_id_ISSN           0021-9258 
_citation.journal_id_CSD            0071 
_citation.book_publisher            ? 
_citation.pdbx_database_id_PubMed   21169359 
_citation.pdbx_database_id_DOI      10.1074/jbc.M110.132118 
# 
loop_
_citation_author.citation_id 
_citation_author.name 
_citation_author.ordinal 
_citation_author.identifier_ORCID 
primary 'Guilherme, L.'   1 ? 
primary 'Alba, M.P.'      2 ? 
primary 'Ferreira, F.M.'  3 ? 
primary 'Oshiro, S.E.'    4 ? 
primary 'Higa, F.'        5 ? 
primary 'Patarroyo, M.E.' 6 ? 
primary 'Kalil, J.'       7 ? 
# 
_entity.id                         1 
_entity.type                       polymer 
_entity.src_method                 syn 
_entity.pdbx_description           'M protein, serotype 5' 
_entity.formula_weight             6378.198 
_entity.pdbx_number_of_molecules   1 
_entity.pdbx_ec                    ? 
_entity.pdbx_mutation              ? 
_entity.pdbx_fragment              'UNP residues 300-354' 
_entity.details                    ? 
# 
_entity_poly.entity_id                      1 
_entity_poly.type                           'polypeptide(L)' 
_entity_poly.nstd_linkage                   no 
_entity_poly.nstd_monomer                   yes 
_entity_poly.pdbx_seq_one_letter_code       'KGLRRDLDASREAKKQLEAEQQKLEEQNKISEASRKGLRRDLDASREAKKQVEKA(NH2)' 
_entity_poly.pdbx_seq_one_letter_code_can   KGLRRDLDASREAKKQLEAEQQKLEEQNKISEASRKGLRRDLDASREAKKQVEKAX 
_entity_poly.pdbx_strand_id                 A 
_entity_poly.pdbx_target_identifier         ? 
# 
loop_
_entity_poly_seq.entity_id 
_entity_poly_seq.num 
_entity_poly_seq.mon_id 
_entity_poly_seq.hetero 
1 1  LYS n 
1 2  GLY n 
1 3  LEU n 
1 4  ARG n 
1 5  ARG n 
1 6  ASP n 
1 7  LEU n 
1 8  ASP n 
1 9  ALA n 
1 10 SER n 
1 11 ARG n 
1 12 GLU n 
1 13 ALA n 
1 14 LYS n 
1 15 LYS n 
1 16 GLN n 
1 17 LEU n 
1 18 GLU n 
1 19 ALA n 
1 20 GLU n 
1 21 GLN n 
1 22 GLN n 
1 23 LYS n 
1 24 LEU n 
1 25 GLU n 
1 26 GLU n 
1 27 GLN n 
1 28 ASN n 
1 29 LYS n 
1 30 ILE n 
1 31 SER n 
1 32 GLU n 
1 33 ALA n 
1 34 SER n 
1 35 ARG n 
1 36 LYS n 
1 37 GLY n 
1 38 LEU n 
1 39 ARG n 
1 40 ARG n 
1 41 ASP n 
1 42 LEU n 
1 43 ASP n 
1 44 ALA n 
1 45 SER n 
1 46 ARG n 
1 47 GLU n 
1 48 ALA n 
1 49 LYS n 
1 50 LYS n 
1 51 GLN n 
1 52 VAL n 
1 53 GLU n 
1 54 LYS n 
1 55 ALA n 
1 56 NH2 n 
# 
_pdbx_entity_src_syn.entity_id              1 
_pdbx_entity_src_syn.pdbx_src_id            1 
_pdbx_entity_src_syn.pdbx_alt_source_flag   sample 
_pdbx_entity_src_syn.pdbx_beg_seq_num       ? 
_pdbx_entity_src_syn.pdbx_end_seq_num       ? 
_pdbx_entity_src_syn.organism_scientific    ? 
_pdbx_entity_src_syn.organism_common_name   ? 
_pdbx_entity_src_syn.ncbi_taxonomy_id       ? 
_pdbx_entity_src_syn.details                'A 55-mer-long synthetic peptide' 
# 
loop_
_chem_comp.id 
_chem_comp.type 
_chem_comp.mon_nstd_flag 
_chem_comp.name 
_chem_comp.pdbx_synonyms 
_chem_comp.formula 
_chem_comp.formula_weight 
ALA 'L-peptide linking' y ALANINE         ? 'C3 H7 N O2'     89.093  
ARG 'L-peptide linking' y ARGININE        ? 'C6 H15 N4 O2 1' 175.209 
ASN 'L-peptide linking' y ASPARAGINE      ? 'C4 H8 N2 O3'    132.118 
ASP 'L-peptide linking' y 'ASPARTIC ACID' ? 'C4 H7 N O4'     133.103 
GLN 'L-peptide linking' y GLUTAMINE       ? 'C5 H10 N2 O3'   146.144 
GLU 'L-peptide linking' y 'GLUTAMIC ACID' ? 'C5 H9 N O4'     147.129 
GLY 'peptide linking'   y GLYCINE         ? 'C2 H5 N O2'     75.067  
ILE 'L-peptide linking' y ISOLEUCINE      ? 'C6 H13 N O2'    131.173 
LEU 'L-peptide linking' y LEUCINE         ? 'C6 H13 N O2'    131.173 
LYS 'L-peptide linking' y LYSINE          ? 'C6 H15 N2 O2 1' 147.195 
NH2 non-polymer         . 'AMINO GROUP'   ? 'H2 N'           16.023  
SER 'L-peptide linking' y SERINE          ? 'C3 H7 N O3'     105.093 
VAL 'L-peptide linking' y VALINE          ? 'C5 H11 N O2'    117.146 
# 
loop_
_pdbx_poly_seq_scheme.asym_id 
_pdbx_poly_seq_scheme.entity_id 
_pdbx_poly_seq_scheme.seq_id 
_pdbx_poly_seq_scheme.mon_id 
_pdbx_poly_seq_scheme.ndb_seq_num 
_pdbx_poly_seq_scheme.pdb_seq_num 
_pdbx_poly_seq_scheme.auth_seq_num 
_pdbx_poly_seq_scheme.pdb_mon_id 
_pdbx_poly_seq_scheme.auth_mon_id 
_pdbx_poly_seq_scheme.pdb_strand_id 
_pdbx_poly_seq_scheme.pdb_ins_code 
_pdbx_poly_seq_scheme.hetero 
A 1 1  LYS 1  1  1  LYS LYS A . n 
A 1 2  GLY 2  2  2  GLY GLY A . n 
A 1 3  LEU 3  3  3  LEU LEU A . n 
A 1 4  ARG 4  4  4  ARG ARG A . n 
A 1 5  ARG 5  5  5  ARG ARG A . n 
A 1 6  ASP 6  6  6  ASP ASP A . n 
A 1 7  LEU 7  7  7  LEU LEU A . n 
A 1 8  ASP 8  8  8  ASP ASP A . n 
A 1 9  ALA 9  9  9  ALA ALA A . n 
A 1 10 SER 10 10 10 SER SER A . n 
A 1 11 ARG 11 11 11 ARG ARG A . n 
A 1 12 GLU 12 12 12 GLU GLU A . n 
A 1 13 ALA 13 13 13 ALA ALA A . n 
A 1 14 LYS 14 14 14 LYS LYS A . n 
A 1 15 LYS 15 15 15 LYS LYS A . n 
A 1 16 GLN 16 16 16 GLN GLN A . n 
A 1 17 LEU 17 17 17 LEU LEU A . n 
A 1 18 GLU 18 18 18 GLU GLU A . n 
A 1 19 ALA 19 19 19 ALA ALA A . n 
A 1 20 GLU 20 20 20 GLU GLU A . n 
A 1 21 GLN 21 21 21 GLN GLN A . n 
A 1 22 GLN 22 22 22 GLN GLN A . n 
A 1 23 LYS 23 23 23 LYS LYS A . n 
A 1 24 LEU 24 24 24 LEU LEU A . n 
A 1 25 GLU 25 25 25 GLU GLU A . n 
A 1 26 GLU 26 26 26 GLU GLU A . n 
A 1 27 GLN 27 27 27 GLN GLN A . n 
A 1 28 ASN 28 28 28 ASN ASN A . n 
A 1 29 LYS 29 29 29 LYS LYS A . n 
A 1 30 ILE 30 30 30 ILE ILE A . n 
A 1 31 SER 31 31 31 SER SER A . n 
A 1 32 GLU 32 32 32 GLU GLU A . n 
A 1 33 ALA 33 33 33 ALA ALA A . n 
A 1 34 SER 34 34 34 SER SER A . n 
A 1 35 ARG 35 35 35 ARG ARG A . n 
A 1 36 LYS 36 36 36 LYS LYS A . n 
A 1 37 GLY 37 37 37 GLY GLY A . n 
A 1 38 LEU 38 38 38 LEU LEU A . n 
A 1 39 ARG 39 39 39 ARG ARG A . n 
A 1 40 ARG 40 40 40 ARG ARG A . n 
A 1 41 ASP 41 41 41 ASP ASP A . n 
A 1 42 LEU 42 42 42 LEU LEU A . n 
A 1 43 ASP 43 43 43 ASP ASP A . n 
A 1 44 ALA 44 44 44 ALA ALA A . n 
A 1 45 SER 45 45 45 SER SER A . n 
A 1 46 ARG 46 46 46 ARG ARG A . n 
A 1 47 GLU 47 47 47 GLU GLU A . n 
A 1 48 ALA 48 48 48 ALA ALA A . n 
A 1 49 LYS 49 49 49 LYS LYS A . n 
A 1 50 LYS 50 50 50 LYS LYS A . n 
A 1 51 GLN 51 51 51 GLN GLN A . n 
A 1 52 VAL 52 52 52 VAL VAL A . n 
A 1 53 GLU 53 53 53 GLU GLU A . n 
A 1 54 LYS 54 54 54 LYS LYS A . n 
A 1 55 ALA 55 55 55 ALA ALA A . n 
A 1 56 NH2 56 56 56 NH2 NH2 A . n 
# 
_exptl.absorpt_coefficient_mu     ? 
_exptl.absorpt_correction_T_max   ? 
_exptl.absorpt_correction_T_min   ? 
_exptl.absorpt_correction_type    ? 
_exptl.absorpt_process_details    ? 
_exptl.crystals_number            ? 
_exptl.details                    
;A 55-mer-long synthetic peptide was designed after selecting T and B cell epitopes using a large panel of PMBCs and sera healthy induividuals and rheumatic fever patients based on the sequuences of the C-terminal portion of S. pyogenes M5 protein as described by Robinson et al Int. Inmunol. 6:1235-1244
;
_exptl.entry_id                   2KK9 
_exptl.method                     'SOLUTION NMR' 
_exptl.method_details             ? 
# 
_struct.entry_id                  2KK9 
_struct.title                     
'Anti-group A streptococcal vaccine epitope: structure, stability and its ability to interact with HLA class II molecules' 
_struct.pdbx_model_details        'fewest violations' 
_struct.pdbx_CASP_flag            ? 
_struct.pdbx_model_type_details   ? 
# 
_struct_keywords.entry_id        2KK9 
_struct_keywords.pdbx_keywords   'ANTIMICROBIAL PROTEIN' 
_struct_keywords.text            
;S. pyogenes, M5 protein, Synthetic peptide vaccine, Cell wall, Peptidoglycan-anchor, Phagocytosis, Secreted, Virulence, UNKNOWN FUNCTION, ANTIMICROBIAL PROTEIN
;
# 
_struct_asym.id                            A 
_struct_asym.pdbx_blank_PDB_chainid_flag   N 
_struct_asym.pdbx_modified                 N 
_struct_asym.entity_id                     1 
_struct_asym.details                       ? 
# 
_struct_ref.id                         1 
_struct_ref.db_name                    UNP 
_struct_ref.db_code                    M5_STRP5 
_struct_ref.pdbx_db_accession          P02977 
_struct_ref.entity_id                  1 
_struct_ref.pdbx_seq_one_letter_code   KGLRRDLDASREAKKQLEAEQQKLEEQNKISEASRKGLRRDLDASREAKKQVEKA 
_struct_ref.pdbx_align_begin           300 
_struct_ref.pdbx_db_isoform            ? 
# 
_struct_ref_seq.align_id                      1 
_struct_ref_seq.ref_id                        1 
_struct_ref_seq.pdbx_PDB_id_code              2KK9 
_struct_ref_seq.pdbx_strand_id                A 
_struct_ref_seq.seq_align_beg                 1 
_struct_ref_seq.pdbx_seq_align_beg_ins_code   ? 
_struct_ref_seq.seq_align_end                 55 
_struct_ref_seq.pdbx_seq_align_end_ins_code   ? 
_struct_ref_seq.pdbx_db_accession             P02977 
_struct_ref_seq.db_align_beg                  300 
_struct_ref_seq.pdbx_db_align_beg_ins_code    ? 
_struct_ref_seq.db_align_end                  354 
_struct_ref_seq.pdbx_db_align_end_ins_code    ? 
_struct_ref_seq.pdbx_auth_seq_align_beg       1 
_struct_ref_seq.pdbx_auth_seq_align_end       55 
# 
_struct_ref_seq_dif.align_id                     1 
_struct_ref_seq_dif.pdbx_pdb_id_code             2KK9 
_struct_ref_seq_dif.mon_id                       NH2 
_struct_ref_seq_dif.pdbx_pdb_strand_id           A 
_struct_ref_seq_dif.seq_num                      56 
_struct_ref_seq_dif.pdbx_pdb_ins_code            ? 
_struct_ref_seq_dif.pdbx_seq_db_name             UNP 
_struct_ref_seq_dif.pdbx_seq_db_accession_code   P02977 
_struct_ref_seq_dif.db_mon_id                    ? 
_struct_ref_seq_dif.pdbx_seq_db_seq_num          ? 
_struct_ref_seq_dif.details                      amidation 
_struct_ref_seq_dif.pdbx_auth_seq_num            56 
_struct_ref_seq_dif.pdbx_ordinal                 1 
# 
_pdbx_struct_assembly.id                   1 
_pdbx_struct_assembly.details              author_defined_assembly 
_pdbx_struct_assembly.method_details       ? 
_pdbx_struct_assembly.oligomeric_details   monomeric 
_pdbx_struct_assembly.oligomeric_count     1 
# 
_pdbx_struct_assembly_gen.assembly_id       1 
_pdbx_struct_assembly_gen.oper_expression   1 
_pdbx_struct_assembly_gen.asym_id_list      A 
# 
_pdbx_struct_oper_list.id                   1 
_pdbx_struct_oper_list.type                 'identity operation' 
_pdbx_struct_oper_list.name                 1_555 
_pdbx_struct_oper_list.symmetry_operation   x,y,z 
_pdbx_struct_oper_list.matrix[1][1]         1.0000000000 
_pdbx_struct_oper_list.matrix[1][2]         0.0000000000 
_pdbx_struct_oper_list.matrix[1][3]         0.0000000000 
_pdbx_struct_oper_list.vector[1]            0.0000000000 
_pdbx_struct_oper_list.matrix[2][1]         0.0000000000 
_pdbx_struct_oper_list.matrix[2][2]         1.0000000000 
_pdbx_struct_oper_list.matrix[2][3]         0.0000000000 
_pdbx_struct_oper_list.vector[2]            0.0000000000 
_pdbx_struct_oper_list.matrix[3][1]         0.0000000000 
_pdbx_struct_oper_list.matrix[3][2]         0.0000000000 
_pdbx_struct_oper_list.matrix[3][3]         1.0000000000 
_pdbx_struct_oper_list.vector[3]            0.0000000000 
# 
_struct_biol.id        1 
_struct_biol.details   ? 
# 
_struct_conf.conf_type_id            HELX_P 
_struct_conf.id                      HELX_P1 
_struct_conf.pdbx_PDB_helix_id       1 
_struct_conf.beg_label_comp_id       ARG 
_struct_conf.beg_label_asym_id       A 
_struct_conf.beg_label_seq_id        11 
_struct_conf.pdbx_beg_PDB_ins_code   ? 
_struct_conf.end_label_comp_id       SER 
_struct_conf.end_label_asym_id       A 
_struct_conf.end_label_seq_id        34 
_struct_conf.pdbx_end_PDB_ins_code   ? 
_struct_conf.beg_auth_comp_id        ARG 
_struct_conf.beg_auth_asym_id        A 
_struct_conf.beg_auth_seq_id         11 
_struct_conf.end_auth_comp_id        SER 
_struct_conf.end_auth_asym_id        A 
_struct_conf.end_auth_seq_id         34 
_struct_conf.pdbx_PDB_helix_class    1 
_struct_conf.details                 ? 
_struct_conf.pdbx_PDB_helix_length   24 
# 
_struct_conf_type.id          HELX_P 
_struct_conf_type.criteria    ? 
_struct_conf_type.reference   ? 
# 
_struct_conn.id                            covale1 
_struct_conn.conn_type_id                  covale 
_struct_conn.pdbx_leaving_atom_flag        both 
_struct_conn.pdbx_PDB_id                   ? 
_struct_conn.ptnr1_label_asym_id           A 
_struct_conn.ptnr1_label_comp_id           ALA 
_struct_conn.ptnr1_label_seq_id            55 
_struct_conn.ptnr1_label_atom_id           C 
_struct_conn.pdbx_ptnr1_label_alt_id       ? 
_struct_conn.pdbx_ptnr1_PDB_ins_code       ? 
_struct_conn.pdbx_ptnr1_standard_comp_id   ? 
_struct_conn.ptnr1_symmetry                1_555 
_struct_conn.ptnr2_label_asym_id           A 
_struct_conn.ptnr2_label_comp_id           NH2 
_struct_conn.ptnr2_label_seq_id            56 
_struct_conn.ptnr2_label_atom_id           N 
_struct_conn.pdbx_ptnr2_label_alt_id       ? 
_struct_conn.pdbx_ptnr2_PDB_ins_code       ? 
_struct_conn.ptnr1_auth_asym_id            A 
_struct_conn.ptnr1_auth_comp_id            ALA 
_struct_conn.ptnr1_auth_seq_id             55 
_struct_conn.ptnr2_auth_asym_id            A 
_struct_conn.ptnr2_auth_comp_id            NH2 
_struct_conn.ptnr2_auth_seq_id             56 
_struct_conn.ptnr2_symmetry                1_555 
_struct_conn.pdbx_ptnr3_label_atom_id      ? 
_struct_conn.pdbx_ptnr3_label_seq_id       ? 
_struct_conn.pdbx_ptnr3_label_comp_id      ? 
_struct_conn.pdbx_ptnr3_label_asym_id      ? 
_struct_conn.pdbx_ptnr3_label_alt_id       ? 
_struct_conn.pdbx_ptnr3_PDB_ins_code       ? 
_struct_conn.details                       ? 
_struct_conn.pdbx_dist_value               1.326 
_struct_conn.pdbx_value_order              ? 
_struct_conn.pdbx_role                     ? 
# 
_struct_conn_type.id          covale 
_struct_conn_type.criteria    ? 
_struct_conn_type.reference   ? 
# 
_pdbx_modification_feature.ordinal                            1 
_pdbx_modification_feature.label_comp_id                      NH2 
_pdbx_modification_feature.label_asym_id                      A 
_pdbx_modification_feature.label_seq_id                       56 
_pdbx_modification_feature.label_alt_id                       ? 
_pdbx_modification_feature.modified_residue_label_comp_id     ALA 
_pdbx_modification_feature.modified_residue_label_asym_id     A 
_pdbx_modification_feature.modified_residue_label_seq_id      55 
_pdbx_modification_feature.modified_residue_label_alt_id      ? 
_pdbx_modification_feature.auth_comp_id                       NH2 
_pdbx_modification_feature.auth_asym_id                       A 
_pdbx_modification_feature.auth_seq_id                        56 
_pdbx_modification_feature.PDB_ins_code                       ? 
_pdbx_modification_feature.symmetry                           1_555 
_pdbx_modification_feature.modified_residue_auth_comp_id      ALA 
_pdbx_modification_feature.modified_residue_auth_asym_id      A 
_pdbx_modification_feature.modified_residue_auth_seq_id       55 
_pdbx_modification_feature.modified_residue_PDB_ins_code      ? 
_pdbx_modification_feature.modified_residue_symmetry          1_555 
_pdbx_modification_feature.comp_id_linking_atom               . 
_pdbx_modification_feature.modified_residue_id_linking_atom   . 
_pdbx_modification_feature.modified_residue_id                ALA 
_pdbx_modification_feature.ref_pcm_id                         1 
_pdbx_modification_feature.ref_comp_id                        NH2 
_pdbx_modification_feature.type                               None 
_pdbx_modification_feature.category                           'Terminal amidation' 
# 
_pdbx_entry_details.entry_id                   2KK9 
_pdbx_entry_details.compound_details           ? 
_pdbx_entry_details.source_details             ? 
_pdbx_entry_details.nonpolymer_details         ? 
_pdbx_entry_details.sequence_details           ? 
_pdbx_entry_details.has_ligand_of_interest     ? 
_pdbx_entry_details.has_protein_modification   Y 
# 
loop_
_pdbx_validate_rmsd_bond.id 
_pdbx_validate_rmsd_bond.PDB_model_num 
_pdbx_validate_rmsd_bond.auth_atom_id_1 
_pdbx_validate_rmsd_bond.auth_asym_id_1 
_pdbx_validate_rmsd_bond.auth_comp_id_1 
_pdbx_validate_rmsd_bond.auth_seq_id_1 
_pdbx_validate_rmsd_bond.PDB_ins_code_1 
_pdbx_validate_rmsd_bond.label_alt_id_1 
_pdbx_validate_rmsd_bond.auth_atom_id_2 
_pdbx_validate_rmsd_bond.auth_asym_id_2 
_pdbx_validate_rmsd_bond.auth_comp_id_2 
_pdbx_validate_rmsd_bond.auth_seq_id_2 
_pdbx_validate_rmsd_bond.PDB_ins_code_2 
_pdbx_validate_rmsd_bond.label_alt_id_2 
_pdbx_validate_rmsd_bond.bond_value 
_pdbx_validate_rmsd_bond.bond_target_value 
_pdbx_validate_rmsd_bond.bond_deviation 
_pdbx_validate_rmsd_bond.bond_standard_deviation 
_pdbx_validate_rmsd_bond.linker_flag 
1 1 CD A GLU 12 ? ? OE2 A GLU 12 ? ? 1.372 1.252 0.120 0.011 N 
2 1 CD A GLU 18 ? ? OE2 A GLU 18 ? ? 1.372 1.252 0.120 0.011 N 
3 1 CD A GLU 20 ? ? OE2 A GLU 20 ? ? 1.372 1.252 0.120 0.011 N 
4 1 CD A GLU 25 ? ? OE2 A GLU 25 ? ? 1.372 1.252 0.120 0.011 N 
5 1 CD A GLU 26 ? ? OE2 A GLU 26 ? ? 1.372 1.252 0.120 0.011 N 
6 1 CD A GLU 32 ? ? OE2 A GLU 32 ? ? 1.372 1.252 0.120 0.011 N 
7 1 CD A GLU 47 ? ? OE2 A GLU 47 ? ? 1.371 1.252 0.119 0.011 N 
8 1 CD A GLU 53 ? ? OE2 A GLU 53 ? ? 1.372 1.252 0.120 0.011 N 
# 
loop_
_pdbx_validate_rmsd_angle.id 
_pdbx_validate_rmsd_angle.PDB_model_num 
_pdbx_validate_rmsd_angle.auth_atom_id_1 
_pdbx_validate_rmsd_angle.auth_asym_id_1 
_pdbx_validate_rmsd_angle.auth_comp_id_1 
_pdbx_validate_rmsd_angle.auth_seq_id_1 
_pdbx_validate_rmsd_angle.PDB_ins_code_1 
_pdbx_validate_rmsd_angle.label_alt_id_1 
_pdbx_validate_rmsd_angle.auth_atom_id_2 
_pdbx_validate_rmsd_angle.auth_asym_id_2 
_pdbx_validate_rmsd_angle.auth_comp_id_2 
_pdbx_validate_rmsd_angle.auth_seq_id_2 
_pdbx_validate_rmsd_angle.PDB_ins_code_2 
_pdbx_validate_rmsd_angle.label_alt_id_2 
_pdbx_validate_rmsd_angle.auth_atom_id_3 
_pdbx_validate_rmsd_angle.auth_asym_id_3 
_pdbx_validate_rmsd_angle.auth_comp_id_3 
_pdbx_validate_rmsd_angle.auth_seq_id_3 
_pdbx_validate_rmsd_angle.PDB_ins_code_3 
_pdbx_validate_rmsd_angle.label_alt_id_3 
_pdbx_validate_rmsd_angle.angle_value 
_pdbx_validate_rmsd_angle.angle_target_value 
_pdbx_validate_rmsd_angle.angle_deviation 
_pdbx_validate_rmsd_angle.angle_standard_deviation 
_pdbx_validate_rmsd_angle.linker_flag 
1  1 NE A ARG 4  ? ? CZ A ARG 4  ? ? NH1 A ARG 4  ? ? 124.09 120.30 3.79  0.50 N 
2  1 NE A ARG 5  ? ? CZ A ARG 5  ? ? NH1 A ARG 5  ? ? 124.00 120.30 3.70  0.50 N 
3  1 CB A ASP 6  ? ? CG A ASP 6  ? ? OD2 A ASP 6  ? ? 112.25 118.30 -6.05 0.90 N 
4  1 CB A ASP 8  ? ? CG A ASP 8  ? ? OD2 A ASP 8  ? ? 112.30 118.30 -6.00 0.90 N 
5  1 NE A ARG 11 ? ? CZ A ARG 11 ? ? NH1 A ARG 11 ? ? 124.00 120.30 3.70  0.50 N 
6  1 NE A ARG 35 ? ? CZ A ARG 35 ? ? NH1 A ARG 35 ? ? 124.06 120.30 3.76  0.50 N 
7  1 NE A ARG 39 ? ? CZ A ARG 39 ? ? NH1 A ARG 39 ? ? 123.90 120.30 3.60  0.50 N 
8  1 NE A ARG 40 ? ? CZ A ARG 40 ? ? NH1 A ARG 40 ? ? 124.02 120.30 3.72  0.50 N 
9  1 CB A ASP 41 ? ? CG A ASP 41 ? ? OD2 A ASP 41 ? ? 112.31 118.30 -5.99 0.90 N 
10 1 CB A ASP 43 ? ? CG A ASP 43 ? ? OD2 A ASP 43 ? ? 112.35 118.30 -5.95 0.90 N 
11 1 NE A ARG 46 ? ? CZ A ARG 46 ? ? NH1 A ARG 46 ? ? 124.01 120.30 3.71  0.50 N 
# 
loop_
_pdbx_validate_torsion.id 
_pdbx_validate_torsion.PDB_model_num 
_pdbx_validate_torsion.auth_comp_id 
_pdbx_validate_torsion.auth_asym_id 
_pdbx_validate_torsion.auth_seq_id 
_pdbx_validate_torsion.PDB_ins_code 
_pdbx_validate_torsion.label_alt_id 
_pdbx_validate_torsion.phi 
_pdbx_validate_torsion.psi 
1 1 LEU A 3  ? ? -106.72 68.13   
2 1 ASP A 6  ? ? -169.16 -56.15  
3 1 ALA A 9  ? ? 65.44   60.90   
4 1 ARG A 11 ? ? -127.30 -62.01  
5 1 ALA A 33 ? ? 60.29   77.07   
6 1 SER A 34 ? ? -101.10 68.45   
7 1 ARG A 39 ? ? -137.21 -129.02 
8 1 ALA A 44 ? ? -90.10  -72.86  
9 1 SER A 45 ? ? -127.02 -121.13 
# 
_pdbx_nmr_ensemble.average_constraint_violations_per_residue     ? 
_pdbx_nmr_ensemble.average_constraints_per_residue               ? 
_pdbx_nmr_ensemble.average_distance_constraint_violation         ? 
_pdbx_nmr_ensemble.average_torsion_angle_constraint_violation    ? 
_pdbx_nmr_ensemble.conformer_selection_criteria                  'structures with the lowest energy' 
_pdbx_nmr_ensemble.conformers_calculated_total_number            50 
_pdbx_nmr_ensemble.conformers_submitted_total_number             1 
_pdbx_nmr_ensemble.distance_constraint_violation_method          ? 
_pdbx_nmr_ensemble.entry_id                                      2KK9 
_pdbx_nmr_ensemble.maximum_distance_constraint_violation         ? 
_pdbx_nmr_ensemble.maximum_lower_distance_constraint_violation   ? 
_pdbx_nmr_ensemble.maximum_torsion_angle_constraint_violation    ? 
_pdbx_nmr_ensemble.maximum_upper_distance_constraint_violation   ? 
_pdbx_nmr_ensemble.torsion_angle_constraint_violation_method     ? 
# 
_pdbx_nmr_representative.conformer_id         1 
_pdbx_nmr_representative.entry_id             2KK9 
_pdbx_nmr_representative.selection_criteria   ? 
# 
_pdbx_nmr_sample_details.contents         '5.4 mg/mL, trifluoroethanol/water 30/70%' 
_pdbx_nmr_sample_details.solution_id      1 
_pdbx_nmr_sample_details.solvent_system   'trifluoroethanol/water 30/70%' 
# 
_pdbx_nmr_exptl_sample.component             entity-1 
_pdbx_nmr_exptl_sample.concentration         5.4 
_pdbx_nmr_exptl_sample.concentration_range   ? 
_pdbx_nmr_exptl_sample.concentration_units   mM 
_pdbx_nmr_exptl_sample.isotopic_labeling     ? 
_pdbx_nmr_exptl_sample.solution_id           1 
# 
_pdbx_nmr_exptl_sample_conditions.conditions_id       1 
_pdbx_nmr_exptl_sample_conditions.ionic_strength      ? 
_pdbx_nmr_exptl_sample_conditions.pH                  3.7 
_pdbx_nmr_exptl_sample_conditions.pressure            ambient 
_pdbx_nmr_exptl_sample_conditions.pressure_units      atm 
_pdbx_nmr_exptl_sample_conditions.temperature         295 
_pdbx_nmr_exptl_sample_conditions.temperature_units   K 
# 
loop_
_pdbx_nmr_exptl.conditions_id 
_pdbx_nmr_exptl.experiment_id 
_pdbx_nmr_exptl.solution_id 
_pdbx_nmr_exptl.type 
1 1 1 '2D DQF-COSY'    
1 2 1 '2D 1H-1H TOCSY' 
1 3 1 '2D 1H-1H NOESY' 
# 
_pdbx_nmr_refine.entry_id           2KK9 
_pdbx_nmr_refine.method             'DGSA-distance geometry simulated annealing' 
_pdbx_nmr_refine.details            ? 
_pdbx_nmr_refine.software_ordinal   1 
# 
_pdbx_nmr_software.authors          'Bruker Biospin' 
_pdbx_nmr_software.classification   processing 
_pdbx_nmr_software.name             TopSpin 
_pdbx_nmr_software.version          ? 
_pdbx_nmr_software.ordinal          1 
# 
loop_
_chem_comp_atom.comp_id 
_chem_comp_atom.atom_id 
_chem_comp_atom.type_symbol 
_chem_comp_atom.pdbx_aromatic_flag 
_chem_comp_atom.pdbx_stereo_config 
_chem_comp_atom.pdbx_ordinal 
ALA N    N N N 1   
ALA CA   C N S 2   
ALA C    C N N 3   
ALA O    O N N 4   
ALA CB   C N N 5   
ALA OXT  O N N 6   
ALA H    H N N 7   
ALA H2   H N N 8   
ALA HA   H N N 9   
ALA HB1  H N N 10  
ALA HB2  H N N 11  
ALA HB3  H N N 12  
ALA HXT  H N N 13  
ARG N    N N N 14  
ARG CA   C N S 15  
ARG C    C N N 16  
ARG O    O N N 17  
ARG CB   C N N 18  
ARG CG   C N N 19  
ARG CD   C N N 20  
ARG NE   N N N 21  
ARG CZ   C N N 22  
ARG NH1  N N N 23  
ARG NH2  N N N 24  
ARG OXT  O N N 25  
ARG H    H N N 26  
ARG H2   H N N 27  
ARG HA   H N N 28  
ARG HB2  H N N 29  
ARG HB3  H N N 30  
ARG HG2  H N N 31  
ARG HG3  H N N 32  
ARG HD2  H N N 33  
ARG HD3  H N N 34  
ARG HE   H N N 35  
ARG HH11 H N N 36  
ARG HH12 H N N 37  
ARG HH21 H N N 38  
ARG HH22 H N N 39  
ARG HXT  H N N 40  
ASN N    N N N 41  
ASN CA   C N S 42  
ASN C    C N N 43  
ASN O    O N N 44  
ASN CB   C N N 45  
ASN CG   C N N 46  
ASN OD1  O N N 47  
ASN ND2  N N N 48  
ASN OXT  O N N 49  
ASN H    H N N 50  
ASN H2   H N N 51  
ASN HA   H N N 52  
ASN HB2  H N N 53  
ASN HB3  H N N 54  
ASN HD21 H N N 55  
ASN HD22 H N N 56  
ASN HXT  H N N 57  
ASP N    N N N 58  
ASP CA   C N S 59  
ASP C    C N N 60  
ASP O    O N N 61  
ASP CB   C N N 62  
ASP CG   C N N 63  
ASP OD1  O N N 64  
ASP OD2  O N N 65  
ASP OXT  O N N 66  
ASP H    H N N 67  
ASP H2   H N N 68  
ASP HA   H N N 69  
ASP HB2  H N N 70  
ASP HB3  H N N 71  
ASP HD2  H N N 72  
ASP HXT  H N N 73  
GLN N    N N N 74  
GLN CA   C N S 75  
GLN C    C N N 76  
GLN O    O N N 77  
GLN CB   C N N 78  
GLN CG   C N N 79  
GLN CD   C N N 80  
GLN OE1  O N N 81  
GLN NE2  N N N 82  
GLN OXT  O N N 83  
GLN H    H N N 84  
GLN H2   H N N 85  
GLN HA   H N N 86  
GLN HB2  H N N 87  
GLN HB3  H N N 88  
GLN HG2  H N N 89  
GLN HG3  H N N 90  
GLN HE21 H N N 91  
GLN HE22 H N N 92  
GLN HXT  H N N 93  
GLU N    N N N 94  
GLU CA   C N S 95  
GLU C    C N N 96  
GLU O    O N N 97  
GLU CB   C N N 98  
GLU CG   C N N 99  
GLU CD   C N N 100 
GLU OE1  O N N 101 
GLU OE2  O N N 102 
GLU OXT  O N N 103 
GLU H    H N N 104 
GLU H2   H N N 105 
GLU HA   H N N 106 
GLU HB2  H N N 107 
GLU HB3  H N N 108 
GLU HG2  H N N 109 
GLU HG3  H N N 110 
GLU HE2  H N N 111 
GLU HXT  H N N 112 
GLY N    N N N 113 
GLY CA   C N N 114 
GLY C    C N N 115 
GLY O    O N N 116 
GLY OXT  O N N 117 
GLY H    H N N 118 
GLY H2   H N N 119 
GLY HA2  H N N 120 
GLY HA3  H N N 121 
GLY HXT  H N N 122 
ILE N    N N N 123 
ILE CA   C N S 124 
ILE C    C N N 125 
ILE O    O N N 126 
ILE CB   C N S 127 
ILE CG1  C N N 128 
ILE CG2  C N N 129 
ILE CD1  C N N 130 
ILE OXT  O N N 131 
ILE H    H N N 132 
ILE H2   H N N 133 
ILE HA   H N N 134 
ILE HB   H N N 135 
ILE HG12 H N N 136 
ILE HG13 H N N 137 
ILE HG21 H N N 138 
ILE HG22 H N N 139 
ILE HG23 H N N 140 
ILE HD11 H N N 141 
ILE HD12 H N N 142 
ILE HD13 H N N 143 
ILE HXT  H N N 144 
LEU N    N N N 145 
LEU CA   C N S 146 
LEU C    C N N 147 
LEU O    O N N 148 
LEU CB   C N N 149 
LEU CG   C N N 150 
LEU CD1  C N N 151 
LEU CD2  C N N 152 
LEU OXT  O N N 153 
LEU H    H N N 154 
LEU H2   H N N 155 
LEU HA   H N N 156 
LEU HB2  H N N 157 
LEU HB3  H N N 158 
LEU HG   H N N 159 
LEU HD11 H N N 160 
LEU HD12 H N N 161 
LEU HD13 H N N 162 
LEU HD21 H N N 163 
LEU HD22 H N N 164 
LEU HD23 H N N 165 
LEU HXT  H N N 166 
LYS N    N N N 167 
LYS CA   C N S 168 
LYS C    C N N 169 
LYS O    O N N 170 
LYS CB   C N N 171 
LYS CG   C N N 172 
LYS CD   C N N 173 
LYS CE   C N N 174 
LYS NZ   N N N 175 
LYS OXT  O N N 176 
LYS H    H N N 177 
LYS H2   H N N 178 
LYS HA   H N N 179 
LYS HB2  H N N 180 
LYS HB3  H N N 181 
LYS HG2  H N N 182 
LYS HG3  H N N 183 
LYS HD2  H N N 184 
LYS HD3  H N N 185 
LYS HE2  H N N 186 
LYS HE3  H N N 187 
LYS HZ1  H N N 188 
LYS HZ2  H N N 189 
LYS HZ3  H N N 190 
LYS HXT  H N N 191 
NH2 N    N N N 192 
NH2 HN1  H N N 193 
NH2 HN2  H N N 194 
SER N    N N N 195 
SER CA   C N S 196 
SER C    C N N 197 
SER O    O N N 198 
SER CB   C N N 199 
SER OG   O N N 200 
SER OXT  O N N 201 
SER H    H N N 202 
SER H2   H N N 203 
SER HA   H N N 204 
SER HB2  H N N 205 
SER HB3  H N N 206 
SER HG   H N N 207 
SER HXT  H N N 208 
VAL N    N N N 209 
VAL CA   C N S 210 
VAL C    C N N 211 
VAL O    O N N 212 
VAL CB   C N N 213 
VAL CG1  C N N 214 
VAL CG2  C N N 215 
VAL OXT  O N N 216 
VAL H    H N N 217 
VAL H2   H N N 218 
VAL HA   H N N 219 
VAL HB   H N N 220 
VAL HG11 H N N 221 
VAL HG12 H N N 222 
VAL HG13 H N N 223 
VAL HG21 H N N 224 
VAL HG22 H N N 225 
VAL HG23 H N N 226 
VAL HXT  H N N 227 
# 
loop_
_chem_comp_bond.comp_id 
_chem_comp_bond.atom_id_1 
_chem_comp_bond.atom_id_2 
_chem_comp_bond.value_order 
_chem_comp_bond.pdbx_aromatic_flag 
_chem_comp_bond.pdbx_stereo_config 
_chem_comp_bond.pdbx_ordinal 
ALA N   CA   sing N N 1   
ALA N   H    sing N N 2   
ALA N   H2   sing N N 3   
ALA CA  C    sing N N 4   
ALA CA  CB   sing N N 5   
ALA CA  HA   sing N N 6   
ALA C   O    doub N N 7   
ALA C   OXT  sing N N 8   
ALA CB  HB1  sing N N 9   
ALA CB  HB2  sing N N 10  
ALA CB  HB3  sing N N 11  
ALA OXT HXT  sing N N 12  
ARG N   CA   sing N N 13  
ARG N   H    sing N N 14  
ARG N   H2   sing N N 15  
ARG CA  C    sing N N 16  
ARG CA  CB   sing N N 17  
ARG CA  HA   sing N N 18  
ARG C   O    doub N N 19  
ARG C   OXT  sing N N 20  
ARG CB  CG   sing N N 21  
ARG CB  HB2  sing N N 22  
ARG CB  HB3  sing N N 23  
ARG CG  CD   sing N N 24  
ARG CG  HG2  sing N N 25  
ARG CG  HG3  sing N N 26  
ARG CD  NE   sing N N 27  
ARG CD  HD2  sing N N 28  
ARG CD  HD3  sing N N 29  
ARG NE  CZ   sing N N 30  
ARG NE  HE   sing N N 31  
ARG CZ  NH1  sing N N 32  
ARG CZ  NH2  doub N N 33  
ARG NH1 HH11 sing N N 34  
ARG NH1 HH12 sing N N 35  
ARG NH2 HH21 sing N N 36  
ARG NH2 HH22 sing N N 37  
ARG OXT HXT  sing N N 38  
ASN N   CA   sing N N 39  
ASN N   H    sing N N 40  
ASN N   H2   sing N N 41  
ASN CA  C    sing N N 42  
ASN CA  CB   sing N N 43  
ASN CA  HA   sing N N 44  
ASN C   O    doub N N 45  
ASN C   OXT  sing N N 46  
ASN CB  CG   sing N N 47  
ASN CB  HB2  sing N N 48  
ASN CB  HB3  sing N N 49  
ASN CG  OD1  doub N N 50  
ASN CG  ND2  sing N N 51  
ASN ND2 HD21 sing N N 52  
ASN ND2 HD22 sing N N 53  
ASN OXT HXT  sing N N 54  
ASP N   CA   sing N N 55  
ASP N   H    sing N N 56  
ASP N   H2   sing N N 57  
ASP CA  C    sing N N 58  
ASP CA  CB   sing N N 59  
ASP CA  HA   sing N N 60  
ASP C   O    doub N N 61  
ASP C   OXT  sing N N 62  
ASP CB  CG   sing N N 63  
ASP CB  HB2  sing N N 64  
ASP CB  HB3  sing N N 65  
ASP CG  OD1  doub N N 66  
ASP CG  OD2  sing N N 67  
ASP OD2 HD2  sing N N 68  
ASP OXT HXT  sing N N 69  
GLN N   CA   sing N N 70  
GLN N   H    sing N N 71  
GLN N   H2   sing N N 72  
GLN CA  C    sing N N 73  
GLN CA  CB   sing N N 74  
GLN CA  HA   sing N N 75  
GLN C   O    doub N N 76  
GLN C   OXT  sing N N 77  
GLN CB  CG   sing N N 78  
GLN CB  HB2  sing N N 79  
GLN CB  HB3  sing N N 80  
GLN CG  CD   sing N N 81  
GLN CG  HG2  sing N N 82  
GLN CG  HG3  sing N N 83  
GLN CD  OE1  doub N N 84  
GLN CD  NE2  sing N N 85  
GLN NE2 HE21 sing N N 86  
GLN NE2 HE22 sing N N 87  
GLN OXT HXT  sing N N 88  
GLU N   CA   sing N N 89  
GLU N   H    sing N N 90  
GLU N   H2   sing N N 91  
GLU CA  C    sing N N 92  
GLU CA  CB   sing N N 93  
GLU CA  HA   sing N N 94  
GLU C   O    doub N N 95  
GLU C   OXT  sing N N 96  
GLU CB  CG   sing N N 97  
GLU CB  HB2  sing N N 98  
GLU CB  HB3  sing N N 99  
GLU CG  CD   sing N N 100 
GLU CG  HG2  sing N N 101 
GLU CG  HG3  sing N N 102 
GLU CD  OE1  doub N N 103 
GLU CD  OE2  sing N N 104 
GLU OE2 HE2  sing N N 105 
GLU OXT HXT  sing N N 106 
GLY N   CA   sing N N 107 
GLY N   H    sing N N 108 
GLY N   H2   sing N N 109 
GLY CA  C    sing N N 110 
GLY CA  HA2  sing N N 111 
GLY CA  HA3  sing N N 112 
GLY C   O    doub N N 113 
GLY C   OXT  sing N N 114 
GLY OXT HXT  sing N N 115 
ILE N   CA   sing N N 116 
ILE N   H    sing N N 117 
ILE N   H2   sing N N 118 
ILE CA  C    sing N N 119 
ILE CA  CB   sing N N 120 
ILE CA  HA   sing N N 121 
ILE C   O    doub N N 122 
ILE C   OXT  sing N N 123 
ILE CB  CG1  sing N N 124 
ILE CB  CG2  sing N N 125 
ILE CB  HB   sing N N 126 
ILE CG1 CD1  sing N N 127 
ILE CG1 HG12 sing N N 128 
ILE CG1 HG13 sing N N 129 
ILE CG2 HG21 sing N N 130 
ILE CG2 HG22 sing N N 131 
ILE CG2 HG23 sing N N 132 
ILE CD1 HD11 sing N N 133 
ILE CD1 HD12 sing N N 134 
ILE CD1 HD13 sing N N 135 
ILE OXT HXT  sing N N 136 
LEU N   CA   sing N N 137 
LEU N   H    sing N N 138 
LEU N   H2   sing N N 139 
LEU CA  C    sing N N 140 
LEU CA  CB   sing N N 141 
LEU CA  HA   sing N N 142 
LEU C   O    doub N N 143 
LEU C   OXT  sing N N 144 
LEU CB  CG   sing N N 145 
LEU CB  HB2  sing N N 146 
LEU CB  HB3  sing N N 147 
LEU CG  CD1  sing N N 148 
LEU CG  CD2  sing N N 149 
LEU CG  HG   sing N N 150 
LEU CD1 HD11 sing N N 151 
LEU CD1 HD12 sing N N 152 
LEU CD1 HD13 sing N N 153 
LEU CD2 HD21 sing N N 154 
LEU CD2 HD22 sing N N 155 
LEU CD2 HD23 sing N N 156 
LEU OXT HXT  sing N N 157 
LYS N   CA   sing N N 158 
LYS N   H    sing N N 159 
LYS N   H2   sing N N 160 
LYS CA  C    sing N N 161 
LYS CA  CB   sing N N 162 
LYS CA  HA   sing N N 163 
LYS C   O    doub N N 164 
LYS C   OXT  sing N N 165 
LYS CB  CG   sing N N 166 
LYS CB  HB2  sing N N 167 
LYS CB  HB3  sing N N 168 
LYS CG  CD   sing N N 169 
LYS CG  HG2  sing N N 170 
LYS CG  HG3  sing N N 171 
LYS CD  CE   sing N N 172 
LYS CD  HD2  sing N N 173 
LYS CD  HD3  sing N N 174 
LYS CE  NZ   sing N N 175 
LYS CE  HE2  sing N N 176 
LYS CE  HE3  sing N N 177 
LYS NZ  HZ1  sing N N 178 
LYS NZ  HZ2  sing N N 179 
LYS NZ  HZ3  sing N N 180 
LYS OXT HXT  sing N N 181 
NH2 N   HN1  sing N N 182 
NH2 N   HN2  sing N N 183 
SER N   CA   sing N N 184 
SER N   H    sing N N 185 
SER N   H2   sing N N 186 
SER CA  C    sing N N 187 
SER CA  CB   sing N N 188 
SER CA  HA   sing N N 189 
SER C   O    doub N N 190 
SER C   OXT  sing N N 191 
SER CB  OG   sing N N 192 
SER CB  HB2  sing N N 193 
SER CB  HB3  sing N N 194 
SER OG  HG   sing N N 195 
SER OXT HXT  sing N N 196 
VAL N   CA   sing N N 197 
VAL N   H    sing N N 198 
VAL N   H2   sing N N 199 
VAL CA  C    sing N N 200 
VAL CA  CB   sing N N 201 
VAL CA  HA   sing N N 202 
VAL C   O    doub N N 203 
VAL C   OXT  sing N N 204 
VAL CB  CG1  sing N N 205 
VAL CB  CG2  sing N N 206 
VAL CB  HB   sing N N 207 
VAL CG1 HG11 sing N N 208 
VAL CG1 HG12 sing N N 209 
VAL CG1 HG13 sing N N 210 
VAL CG2 HG21 sing N N 211 
VAL CG2 HG22 sing N N 212 
VAL CG2 HG23 sing N N 213 
VAL OXT HXT  sing N N 214 
# 
_pdbx_nmr_spectrometer.field_strength    600 
_pdbx_nmr_spectrometer.manufacturer      Bruker 
_pdbx_nmr_spectrometer.model             DRX 
_pdbx_nmr_spectrometer.spectrometer_id   1 
_pdbx_nmr_spectrometer.type              'Bruker DRX' 
# 
_atom_sites.entry_id                    2KK9 
_atom_sites.fract_transf_matrix[1][1]   1.000000 
_atom_sites.fract_transf_matrix[1][2]   0.000000 
_atom_sites.fract_transf_matrix[1][3]   0.000000 
_atom_sites.fract_transf_matrix[2][1]   0.000000 
_atom_sites.fract_transf_matrix[2][2]   1.000000 
_atom_sites.fract_transf_matrix[2][3]   0.000000 
_atom_sites.fract_transf_matrix[3][1]   0.000000 
_atom_sites.fract_transf_matrix[3][2]   0.000000 
_atom_sites.fract_transf_matrix[3][3]   1.000000 
_atom_sites.fract_transf_vector[1]      0.00000 
_atom_sites.fract_transf_vector[2]      0.00000 
_atom_sites.fract_transf_vector[3]      0.00000 
# 
loop_
_atom_type.symbol 
C 
H 
N 
O 
# 
loop_
_atom_site.group_PDB 
_atom_site.id 
_atom_site.type_symbol 
_atom_site.label_atom_id 
_atom_site.label_alt_id 
_atom_site.label_comp_id 
_atom_site.label_asym_id 
_atom_site.label_entity_id 
_atom_site.label_seq_id 
_atom_site.pdbx_PDB_ins_code 
_atom_site.Cartn_x 
_atom_site.Cartn_y 
_atom_site.Cartn_z 
_atom_site.occupancy 
_atom_site.B_iso_or_equiv 
_atom_site.pdbx_formal_charge 
_atom_site.auth_seq_id 
_atom_site.auth_comp_id 
_atom_site.auth_asym_id 
_atom_site.auth_atom_id 
_atom_site.pdbx_PDB_model_num 
ATOM   1   N N    . LYS A 1 1  ? -21.929 15.835  7.501   1.00 0.00 ? 1  LYS A N    1 
ATOM   2   C CA   . LYS A 1 1  ? -22.634 16.139  6.229   1.00 0.00 ? 1  LYS A CA   1 
ATOM   3   C C    . LYS A 1 1  ? -22.298 15.082  5.120   1.00 0.00 ? 1  LYS A C    1 
ATOM   4   O O    . LYS A 1 1  ? -21.442 14.206  5.304   1.00 0.00 ? 1  LYS A O    1 
ATOM   5   C CB   . LYS A 1 1  ? -22.304 17.602  5.792   1.00 0.00 ? 1  LYS A CB   1 
ATOM   6   C CG   . LYS A 1 1  ? -22.837 18.748  6.690   1.00 0.00 ? 1  LYS A CG   1 
ATOM   7   C CD   . LYS A 1 1  ? -24.371 18.886  6.814   1.00 0.00 ? 1  LYS A CD   1 
ATOM   8   C CE   . LYS A 1 1  ? -25.090 19.276  5.507   1.00 0.00 ? 1  LYS A CE   1 
ATOM   9   N NZ   . LYS A 1 1  ? -26.538 19.451  5.718   1.00 0.00 ? 1  LYS A NZ   1 
ATOM   10  H H1   . LYS A 1 1  ? -22.196 14.903  7.838   1.00 0.00 ? 1  LYS A H1   1 
ATOM   11  H H2   . LYS A 1 1  ? -22.227 16.489  8.234   1.00 0.00 ? 1  LYS A H2   1 
ATOM   12  H HA   . LYS A 1 1  ? -23.714 16.049  6.473   1.00 0.00 ? 1  LYS A HA   1 
ATOM   13  H HB2  . LYS A 1 1  ? -21.206 17.720  5.693   1.00 0.00 ? 1  LYS A HB2  1 
ATOM   14  H HB3  . LYS A 1 1  ? -22.674 17.784  4.765   1.00 0.00 ? 1  LYS A HB3  1 
ATOM   15  H HG2  . LYS A 1 1  ? -22.412 18.637  7.705   1.00 0.00 ? 1  LYS A HG2  1 
ATOM   16  H HG3  . LYS A 1 1  ? -22.423 19.706  6.323   1.00 0.00 ? 1  LYS A HG3  1 
ATOM   17  H HD2  . LYS A 1 1  ? -24.799 17.951  7.219   1.00 0.00 ? 1  LYS A HD2  1 
ATOM   18  H HD3  . LYS A 1 1  ? -24.580 19.654  7.583   1.00 0.00 ? 1  LYS A HD3  1 
ATOM   19  H HE2  . LYS A 1 1  ? -24.669 20.216  5.101   1.00 0.00 ? 1  LYS A HE2  1 
ATOM   20  H HE3  . LYS A 1 1  ? -24.934 18.505  4.731   1.00 0.00 ? 1  LYS A HE3  1 
ATOM   21  H HZ1  . LYS A 1 1  ? -26.989 19.739  4.843   1.00 0.00 ? 1  LYS A HZ1  1 
ATOM   22  H HZ2  . LYS A 1 1  ? -26.707 20.216  6.381   1.00 0.00 ? 1  LYS A HZ2  1 
ATOM   23  N N    . GLY A 1 2  ? -22.992 15.145  3.959   1.00 0.00 ? 2  GLY A N    1 
ATOM   24  C CA   . GLY A 1 2  ? -22.768 14.204  2.836   1.00 0.00 ? 2  GLY A CA   1 
ATOM   25  C C    . GLY A 1 2  ? -23.357 12.788  3.037   1.00 0.00 ? 2  GLY A C    1 
ATOM   26  O O    . GLY A 1 2  ? -22.594 11.818  3.034   1.00 0.00 ? 2  GLY A O    1 
ATOM   27  H H    . GLY A 1 2  ? -23.509 16.010  3.777   1.00 0.00 ? 2  GLY A H    1 
ATOM   28  H HA2  . GLY A 1 2  ? -23.174 14.654  1.905   1.00 0.00 ? 2  GLY A HA2  1 
ATOM   29  H HA3  . GLY A 1 2  ? -21.678 14.130  2.655   1.00 0.00 ? 2  GLY A HA3  1 
ATOM   30  N N    . LEU A 1 3  ? -24.694 12.669  3.179   1.00 0.00 ? 3  LEU A N    1 
ATOM   31  C CA   . LEU A 1 3  ? -25.384 11.367  3.381   1.00 0.00 ? 3  LEU A CA   1 
ATOM   32  C C    . LEU A 1 3  ? -26.142 10.945  2.085   1.00 0.00 ? 3  LEU A C    1 
ATOM   33  O O    . LEU A 1 3  ? -27.376 10.909  2.037   1.00 0.00 ? 3  LEU A O    1 
ATOM   34  C CB   . LEU A 1 3  ? -26.315 11.500  4.624   1.00 0.00 ? 3  LEU A CB   1 
ATOM   35  C CG   . LEU A 1 3  ? -25.608 11.796  5.978   1.00 0.00 ? 3  LEU A CG   1 
ATOM   36  C CD1  . LEU A 1 3  ? -26.665 12.046  7.054   1.00 0.00 ? 3  LEU A CD1  1 
ATOM   37  C CD2  . LEU A 1 3  ? -24.630 10.692  6.426   1.00 0.00 ? 3  LEU A CD2  1 
ATOM   38  H H    . LEU A 1 3  ? -25.212 13.530  3.362   1.00 0.00 ? 3  LEU A H    1 
ATOM   39  H HA   . LEU A 1 3  ? -24.650 10.570  3.624   1.00 0.00 ? 3  LEU A HA   1 
ATOM   40  H HB2  . LEU A 1 3  ? -27.074 12.292  4.432   1.00 0.00 ? 3  LEU A HB2  1 
ATOM   41  H HB3  . LEU A 1 3  ? -26.929 10.583  4.736   1.00 0.00 ? 3  LEU A HB3  1 
ATOM   42  H HG   . LEU A 1 3  ? -25.028 12.733  5.880   1.00 0.00 ? 3  LEU A HG   1 
ATOM   43  H HD11 . LEU A 1 3  ? -27.295 11.152  7.211   1.00 0.00 ? 3  LEU A HD11 1 
ATOM   44  H HD12 . LEU A 1 3  ? -27.325 12.883  6.762   1.00 0.00 ? 3  LEU A HD12 1 
ATOM   45  H HD13 . LEU A 1 3  ? -26.193 12.313  8.016   1.00 0.00 ? 3  LEU A HD13 1 
ATOM   46  H HD21 . LEU A 1 3  ? -25.126 9.708   6.508   1.00 0.00 ? 3  LEU A HD21 1 
ATOM   47  H HD22 . LEU A 1 3  ? -23.789 10.582  5.716   1.00 0.00 ? 3  LEU A HD22 1 
ATOM   48  H HD23 . LEU A 1 3  ? -24.178 10.924  7.407   1.00 0.00 ? 3  LEU A HD23 1 
ATOM   49  N N    . ARG A 1 4  ? -25.364 10.622  1.035   1.00 0.00 ? 4  ARG A N    1 
ATOM   50  C CA   . ARG A 1 4  ? -25.897 10.155  -0.272  1.00 0.00 ? 4  ARG A CA   1 
ATOM   51  C C    . ARG A 1 4  ? -24.980 9.016   -0.799  1.00 0.00 ? 4  ARG A C    1 
ATOM   52  O O    . ARG A 1 4  ? -24.042 9.255   -1.567  1.00 0.00 ? 4  ARG A O    1 
ATOM   53  C CB   . ARG A 1 4  ? -26.023 11.314  -1.309  1.00 0.00 ? 4  ARG A CB   1 
ATOM   54  C CG   . ARG A 1 4  ? -27.163 12.337  -1.099  1.00 0.00 ? 4  ARG A CG   1 
ATOM   55  C CD   . ARG A 1 4  ? -28.582 11.766  -1.323  1.00 0.00 ? 4  ARG A CD   1 
ATOM   56  N NE   . ARG A 1 4  ? -29.638 12.802  -1.202  1.00 0.00 ? 4  ARG A NE   1 
ATOM   57  C CZ   . ARG A 1 4  ? -30.136 13.528  -2.225  1.00 0.00 ? 4  ARG A CZ   1 
ATOM   58  N NH1  . ARG A 1 4  ? -29.729 13.415  -3.487  1.00 0.00 ? 4  ARG A NH1  1 
ATOM   59  N NH2  . ARG A 1 4  ? -31.087 14.405  -1.957  1.00 0.00 ? 4  ARG A NH2  1 
ATOM   60  H H    . ARG A 1 4  ? -24.367 10.790  1.204   1.00 0.00 ? 4  ARG A H    1 
ATOM   61  H HA   . ARG A 1 4  ? -26.910 9.725   -0.143  1.00 0.00 ? 4  ARG A HA   1 
ATOM   62  H HB2  . ARG A 1 4  ? -25.062 11.863  -1.358  1.00 0.00 ? 4  ARG A HB2  1 
ATOM   63  H HB3  . ARG A 1 4  ? -26.143 10.883  -2.322  1.00 0.00 ? 4  ARG A HB3  1 
ATOM   64  H HG2  . ARG A 1 4  ? -27.086 12.789  -0.092  1.00 0.00 ? 4  ARG A HG2  1 
ATOM   65  H HG3  . ARG A 1 4  ? -27.000 13.173  -1.804  1.00 0.00 ? 4  ARG A HG3  1 
ATOM   66  H HD2  . ARG A 1 4  ? -28.641 11.246  -2.298  1.00 0.00 ? 4  ARG A HD2  1 
ATOM   67  H HD3  . ARG A 1 4  ? -28.791 10.984  -0.569  1.00 0.00 ? 4  ARG A HD3  1 
ATOM   68  H HH11 . ARG A 1 4  ? -28.990 12.727  -3.672  1.00 0.00 ? 4  ARG A HH11 1 
ATOM   69  H HH12 . ARG A 1 4  ? -30.188 14.023  -4.175  1.00 0.00 ? 4  ARG A HH12 1 
ATOM   70  H HH21 . ARG A 1 4  ? -31.385 14.474  -0.978  1.00 0.00 ? 4  ARG A HH21 1 
ATOM   71  H HH22 . ARG A 1 4  ? -31.451 14.943  -2.751  1.00 0.00 ? 4  ARG A HH22 1 
ATOM   72  N N    . ARG A 1 5  ? -25.273 7.776   -0.364  1.00 0.00 ? 5  ARG A N    1 
ATOM   73  C CA   . ARG A 1 5  ? -24.530 6.561   -0.805  1.00 0.00 ? 5  ARG A CA   1 
ATOM   74  C C    . ARG A 1 5  ? -25.563 5.466   -1.234  1.00 0.00 ? 5  ARG A C    1 
ATOM   75  O O    . ARG A 1 5  ? -25.644 4.386   -0.641  1.00 0.00 ? 5  ARG A O    1 
ATOM   76  C CB   . ARG A 1 5  ? -23.567 6.144   0.352   1.00 0.00 ? 5  ARG A CB   1 
ATOM   77  C CG   . ARG A 1 5  ? -22.437 5.163   -0.037  1.00 0.00 ? 5  ARG A CG   1 
ATOM   78  C CD   . ARG A 1 5  ? -21.322 5.800   -0.892  1.00 0.00 ? 5  ARG A CD   1 
ATOM   79  N NE   . ARG A 1 5  ? -20.202 4.855   -1.121  1.00 0.00 ? 5  ARG A NE   1 
ATOM   80  C CZ   . ARG A 1 5  ? -19.047 5.176   -1.740  1.00 0.00 ? 5  ARG A CZ   1 
ATOM   81  N NH1  . ARG A 1 5  ? -18.774 6.385   -2.228  1.00 0.00 ? 5  ARG A NH1  1 
ATOM   82  N NH2  . ARG A 1 5  ? -18.128 4.236   -1.868  1.00 0.00 ? 5  ARG A NH2  1 
ATOM   83  H H    . ARG A 1 5  ? -25.965 7.742   0.391   1.00 0.00 ? 5  ARG A H    1 
ATOM   84  H HA   . ARG A 1 5  ? -23.937 6.787   -1.719  1.00 0.00 ? 5  ARG A HA   1 
ATOM   85  H HB2  . ARG A 1 5  ? -23.101 7.025   0.848   1.00 0.00 ? 5  ARG A HB2  1 
ATOM   86  H HB3  . ARG A 1 5  ? -24.174 5.690   1.159   1.00 0.00 ? 5  ARG A HB3  1 
ATOM   87  H HG2  . ARG A 1 5  ? -21.995 4.769   0.898   1.00 0.00 ? 5  ARG A HG2  1 
ATOM   88  H HG3  . ARG A 1 5  ? -22.861 4.282   -0.553  1.00 0.00 ? 5  ARG A HG3  1 
ATOM   89  H HD2  . ARG A 1 5  ? -21.729 6.129   -1.866  1.00 0.00 ? 5  ARG A HD2  1 
ATOM   90  H HD3  . ARG A 1 5  ? -20.942 6.710   -0.390  1.00 0.00 ? 5  ARG A HD3  1 
ATOM   91  H HH11 . ARG A 1 5  ? -19.502 7.101   -2.116  1.00 0.00 ? 5  ARG A HH11 1 
ATOM   92  H HH12 . ARG A 1 5  ? -17.859 6.505   -2.675  1.00 0.00 ? 5  ARG A HH12 1 
ATOM   93  H HH21 . ARG A 1 5  ? -18.359 3.313   -1.484  1.00 0.00 ? 5  ARG A HH21 1 
ATOM   94  H HH22 . ARG A 1 5  ? -17.258 4.506   -2.341  1.00 0.00 ? 5  ARG A HH22 1 
ATOM   95  N N    . ASP A 1 6  ? -26.341 5.771   -2.294  1.00 0.00 ? 6  ASP A N    1 
ATOM   96  C CA   . ASP A 1 6  ? -27.389 4.892   -2.876  1.00 0.00 ? 6  ASP A CA   1 
ATOM   97  C C    . ASP A 1 6  ? -27.874 5.469   -4.241  1.00 0.00 ? 6  ASP A C    1 
ATOM   98  O O    . ASP A 1 6  ? -27.812 4.768   -5.256  1.00 0.00 ? 6  ASP A O    1 
ATOM   99  C CB   . ASP A 1 6  ? -28.559 4.535   -1.908  1.00 0.00 ? 6  ASP A CB   1 
ATOM   100 C CG   . ASP A 1 6  ? -29.407 5.685   -1.331  1.00 0.00 ? 6  ASP A CG   1 
ATOM   101 O OD1  . ASP A 1 6  ? -28.998 6.462   -0.468  1.00 0.00 ? 6  ASP A OD1  1 
ATOM   102 O OD2  . ASP A 1 6  ? -30.658 5.738   -1.890  1.00 0.00 ? 6  ASP A OD2  1 
ATOM   103 H H    . ASP A 1 6  ? -26.189 6.696   -2.693  1.00 0.00 ? 6  ASP A H    1 
ATOM   104 H HA   . ASP A 1 6  ? -26.880 3.947   -3.115  1.00 0.00 ? 6  ASP A HA   1 
ATOM   105 H HB2  . ASP A 1 6  ? -29.220 3.813   -2.418  1.00 0.00 ? 6  ASP A HB2  1 
ATOM   106 H HB3  . ASP A 1 6  ? -28.147 3.971   -1.052  1.00 0.00 ? 6  ASP A HB3  1 
ATOM   107 H HD2  . ASP A 1 6  ? -30.791 5.047   -2.542  1.00 0.00 ? 6  ASP A HD2  1 
ATOM   108 N N    . LEU A 1 7  ? -28.347 6.735   -4.261  1.00 0.00 ? 7  LEU A N    1 
ATOM   109 C CA   . LEU A 1 7  ? -28.803 7.441   -5.493  1.00 0.00 ? 7  LEU A CA   1 
ATOM   110 C C    . LEU A 1 7  ? -27.645 7.750   -6.493  1.00 0.00 ? 7  LEU A C    1 
ATOM   111 O O    . LEU A 1 7  ? -27.775 7.450   -7.683  1.00 0.00 ? 7  LEU A O    1 
ATOM   112 C CB   . LEU A 1 7  ? -29.607 8.727   -5.135  1.00 0.00 ? 7  LEU A CB   1 
ATOM   113 C CG   . LEU A 1 7  ? -30.899 8.567   -4.279  1.00 0.00 ? 7  LEU A CG   1 
ATOM   114 C CD1  . LEU A 1 7  ? -31.470 9.946   -3.892  1.00 0.00 ? 7  LEU A CD1  1 
ATOM   115 C CD2  . LEU A 1 7  ? -31.989 7.723   -4.971  1.00 0.00 ? 7  LEU A CD2  1 
ATOM   116 H H    . LEU A 1 7  ? -28.319 7.190   -3.343  1.00 0.00 ? 7  LEU A H    1 
ATOM   117 H HA   . LEU A 1 7  ? -29.492 6.765   -6.026  1.00 0.00 ? 7  LEU A HA   1 
ATOM   118 H HB2  . LEU A 1 7  ? -28.926 9.430   -4.617  1.00 0.00 ? 7  LEU A HB2  1 
ATOM   119 H HB3  . LEU A 1 7  ? -29.879 9.249   -6.075  1.00 0.00 ? 7  LEU A HB3  1 
ATOM   120 H HG   . LEU A 1 7  ? -30.629 8.060   -3.335  1.00 0.00 ? 7  LEU A HG   1 
ATOM   121 H HD11 . LEU A 1 7  ? -31.767 10.540  -4.778  1.00 0.00 ? 7  LEU A HD11 1 
ATOM   122 H HD12 . LEU A 1 7  ? -32.361 9.854   -3.243  1.00 0.00 ? 7  LEU A HD12 1 
ATOM   123 H HD13 . LEU A 1 7  ? -30.733 10.547  -3.329  1.00 0.00 ? 7  LEU A HD13 1 
ATOM   124 H HD21 . LEU A 1 7  ? -31.647 6.690   -5.165  1.00 0.00 ? 7  LEU A HD21 1 
ATOM   125 H HD22 . LEU A 1 7  ? -32.898 7.637   -4.344  1.00 0.00 ? 7  LEU A HD22 1 
ATOM   126 H HD23 . LEU A 1 7  ? -32.298 8.155   -5.940  1.00 0.00 ? 7  LEU A HD23 1 
ATOM   127 N N    . ASP A 1 8  ? -26.529 8.333   -6.007  1.00 0.00 ? 8  ASP A N    1 
ATOM   128 C CA   . ASP A 1 8  ? -25.329 8.639   -6.835  1.00 0.00 ? 8  ASP A CA   1 
ATOM   129 C C    . ASP A 1 8  ? -24.562 7.353   -7.296  1.00 0.00 ? 8  ASP A C    1 
ATOM   130 O O    . ASP A 1 8  ? -24.269 7.235   -8.489  1.00 0.00 ? 8  ASP A O    1 
ATOM   131 C CB   . ASP A 1 8  ? -24.434 9.645   -6.059  1.00 0.00 ? 8  ASP A CB   1 
ATOM   132 C CG   . ASP A 1 8  ? -23.265 10.228  -6.868  1.00 0.00 ? 8  ASP A CG   1 
ATOM   133 O OD1  . ASP A 1 8  ? -23.379 11.194  -7.621  1.00 0.00 ? 8  ASP A OD1  1 
ATOM   134 O OD2  . ASP A 1 8  ? -22.093 9.547   -6.655  1.00 0.00 ? 8  ASP A OD2  1 
ATOM   135 H H    . ASP A 1 8  ? -26.571 8.514   -4.998  1.00 0.00 ? 8  ASP A H    1 
ATOM   136 H HA   . ASP A 1 8  ? -25.681 9.162   -7.747  1.00 0.00 ? 8  ASP A HA   1 
ATOM   137 H HB2  . ASP A 1 8  ? -25.045 10.498  -5.710  1.00 0.00 ? 8  ASP A HB2  1 
ATOM   138 H HB3  . ASP A 1 8  ? -24.044 9.179   -5.132  1.00 0.00 ? 8  ASP A HB3  1 
ATOM   139 H HD2  . ASP A 1 8  ? -22.205 8.824   -6.032  1.00 0.00 ? 8  ASP A HD2  1 
ATOM   140 N N    . ALA A 1 9  ? -24.239 6.414   -6.371  1.00 0.00 ? 9  ALA A N    1 
ATOM   141 C CA   . ALA A 1 9  ? -23.550 5.125   -6.674  1.00 0.00 ? 9  ALA A CA   1 
ATOM   142 C C    . ALA A 1 9  ? -22.081 5.293   -7.200  1.00 0.00 ? 9  ALA A C    1 
ATOM   143 O O    . ALA A 1 9  ? -21.768 4.862   -8.315  1.00 0.00 ? 9  ALA A O    1 
ATOM   144 C CB   . ALA A 1 9  ? -24.434 4.210   -7.560  1.00 0.00 ? 9  ALA A CB   1 
ATOM   145 H H    . ALA A 1 9  ? -24.533 6.645   -5.414  1.00 0.00 ? 9  ALA A H    1 
ATOM   146 H HA   . ALA A 1 9  ? -23.501 4.566   -5.718  1.00 0.00 ? 9  ALA A HA   1 
ATOM   147 H HB1  . ALA A 1 9  ? -24.570 4.614   -8.581  1.00 0.00 ? 9  ALA A HB1  1 
ATOM   148 H HB2  . ALA A 1 9  ? -23.990 3.204   -7.667  1.00 0.00 ? 9  ALA A HB2  1 
ATOM   149 H HB3  . ALA A 1 9  ? -25.443 4.068   -7.126  1.00 0.00 ? 9  ALA A HB3  1 
ATOM   150 N N    . SER A 1 10 ? -21.173 5.898   -6.394  1.00 0.00 ? 10 SER A N    1 
ATOM   151 C CA   . SER A 1 10 ? -19.744 6.070   -6.768  1.00 0.00 ? 10 SER A CA   1 
ATOM   152 C C    . SER A 1 10 ? -18.926 4.848   -6.248  1.00 0.00 ? 10 SER A C    1 
ATOM   153 O O    . SER A 1 10 ? -18.529 4.783   -5.081  1.00 0.00 ? 10 SER A O    1 
ATOM   154 C CB   . SER A 1 10 ? -19.279 7.430   -6.194  1.00 0.00 ? 10 SER A CB   1 
ATOM   155 O OG   . SER A 1 10 ? -17.995 7.775   -6.690  1.00 0.00 ? 10 SER A OG   1 
ATOM   156 H H    . SER A 1 10 ? -21.536 6.390   -5.569  1.00 0.00 ? 10 SER A H    1 
ATOM   157 H HA   . SER A 1 10 ? -19.624 6.160   -7.873  1.00 0.00 ? 10 SER A HA   1 
ATOM   158 H HB2  . SER A 1 10 ? -19.980 8.239   -6.478  1.00 0.00 ? 10 SER A HB2  1 
ATOM   159 H HB3  . SER A 1 10 ? -19.257 7.420   -5.088  1.00 0.00 ? 10 SER A HB3  1 
ATOM   160 H HG   . SER A 1 10 ? -17.789 8.635   -6.315  1.00 0.00 ? 10 SER A HG   1 
ATOM   161 N N    . ARG A 1 11 ? -18.729 3.866   -7.143  1.00 0.00 ? 11 ARG A N    1 
ATOM   162 C CA   . ARG A 1 11 ? -17.937 2.622   -6.885  1.00 0.00 ? 11 ARG A CA   1 
ATOM   163 C C    . ARG A 1 11 ? -16.898 2.512   -8.020  1.00 0.00 ? 11 ARG A C    1 
ATOM   164 O O    . ARG A 1 11 ? -15.697 2.516   -7.739  1.00 0.00 ? 11 ARG A O    1 
ATOM   165 C CB   . ARG A 1 11 ? -18.840 1.353   -6.793  1.00 0.00 ? 11 ARG A CB   1 
ATOM   166 C CG   . ARG A 1 11 ? -19.732 1.256   -5.531  1.00 0.00 ? 11 ARG A CG   1 
ATOM   167 C CD   . ARG A 1 11 ? -18.967 1.024   -4.213  1.00 0.00 ? 11 ARG A CD   1 
ATOM   168 N NE   . ARG A 1 11 ? -19.899 0.975   -3.060  1.00 0.00 ? 11 ARG A NE   1 
ATOM   169 C CZ   . ARG A 1 11 ? -19.528 0.740   -1.787  1.00 0.00 ? 11 ARG A CZ   1 
ATOM   170 N NH1  . ARG A 1 11 ? -18.273 0.506   -1.408  1.00 0.00 ? 11 ARG A NH1  1 
ATOM   171 N NH2  . ARG A 1 11 ? -20.466 0.745   -0.857  1.00 0.00 ? 11 ARG A NH2  1 
ATOM   172 H H    . ARG A 1 11 ? -19.133 4.054   -8.067  1.00 0.00 ? 11 ARG A H    1 
ATOM   173 H HA   . ARG A 1 11 ? -17.333 2.771   -5.965  1.00 0.00 ? 11 ARG A HA   1 
ATOM   174 H HB2  . ARG A 1 11 ? -19.502 1.327   -7.679  1.00 0.00 ? 11 ARG A HB2  1 
ATOM   175 H HB3  . ARG A 1 11 ? -18.250 0.414   -6.884  1.00 0.00 ? 11 ARG A HB3  1 
ATOM   176 H HG2  . ARG A 1 11 ? -20.358 2.166   -5.455  1.00 0.00 ? 11 ARG A HG2  1 
ATOM   177 H HG3  . ARG A 1 11 ? -20.449 0.426   -5.680  1.00 0.00 ? 11 ARG A HG3  1 
ATOM   178 H HD2  . ARG A 1 11 ? -18.388 0.082   -4.275  1.00 0.00 ? 11 ARG A HD2  1 
ATOM   179 H HD3  . ARG A 1 11 ? -18.231 1.834   -4.050  1.00 0.00 ? 11 ARG A HD3  1 
ATOM   180 H HH11 . ARG A 1 11 ? -17.562 0.508   -2.147  1.00 0.00 ? 11 ARG A HH11 1 
ATOM   181 H HH12 . ARG A 1 11 ? -18.119 0.341   -0.406  1.00 0.00 ? 11 ARG A HH12 1 
ATOM   182 H HH21 . ARG A 1 11 ? -21.425 0.929   -1.173  1.00 0.00 ? 11 ARG A HH21 1 
ATOM   183 H HH22 . ARG A 1 11 ? -20.159 0.565   0.105   1.00 0.00 ? 11 ARG A HH22 1 
ATOM   184 N N    . GLU A 1 12 ? -17.352 2.385   -9.288  1.00 0.00 ? 12 GLU A N    1 
ATOM   185 C CA   . GLU A 1 12 ? -16.460 2.341   -10.488 1.00 0.00 ? 12 GLU A CA   1 
ATOM   186 C C    . GLU A 1 12 ? -15.603 3.662   -10.572 1.00 0.00 ? 12 GLU A C    1 
ATOM   187 O O    . GLU A 1 12 ? -14.411 3.599   -10.880 1.00 0.00 ? 12 GLU A O    1 
ATOM   188 C CB   . GLU A 1 12 ? -17.307 2.049   -11.762 1.00 0.00 ? 12 GLU A CB   1 
ATOM   189 C CG   . GLU A 1 12 ? -16.552 1.436   -12.964 1.00 0.00 ? 12 GLU A CG   1 
ATOM   190 C CD   . GLU A 1 12 ? -15.572 2.363   -13.690 1.00 0.00 ? 12 GLU A CD   1 
ATOM   191 O OE1  . GLU A 1 12 ? -14.352 2.204   -13.674 1.00 0.00 ? 12 GLU A OE1  1 
ATOM   192 O OE2  . GLU A 1 12 ? -16.211 3.377   -14.358 1.00 0.00 ? 12 GLU A OE2  1 
ATOM   193 H H    . GLU A 1 12 ? -18.366 2.284   -9.354  1.00 0.00 ? 12 GLU A H    1 
ATOM   194 H HA   . GLU A 1 12 ? -15.759 1.507   -10.313 1.00 0.00 ? 12 GLU A HA   1 
ATOM   195 H HB2  . GLU A 1 12 ? -18.112 1.328   -11.515 1.00 0.00 ? 12 GLU A HB2  1 
ATOM   196 H HB3  . GLU A 1 12 ? -17.859 2.955   -12.085 1.00 0.00 ? 12 GLU A HB3  1 
ATOM   197 H HG2  . GLU A 1 12 ? -16.019 0.522   -12.640 1.00 0.00 ? 12 GLU A HG2  1 
ATOM   198 H HG3  . GLU A 1 12 ? -17.293 1.080   -13.705 1.00 0.00 ? 12 GLU A HG3  1 
ATOM   199 H HE2  . GLU A 1 12 ? -17.164 3.333   -14.251 1.00 0.00 ? 12 GLU A HE2  1 
ATOM   200 N N    . ALA A 1 13 ? -16.227 4.830   -10.272 1.00 0.00 ? 13 ALA A N    1 
ATOM   201 C CA   . ALA A 1 13 ? -15.567 6.159   -10.228 1.00 0.00 ? 13 ALA A CA   1 
ATOM   202 C C    . ALA A 1 13 ? -14.429 6.217   -9.151  1.00 0.00 ? 13 ALA A C    1 
ATOM   203 O O    . ALA A 1 13 ? -13.361 6.773   -9.424  1.00 0.00 ? 13 ALA A O    1 
ATOM   204 C CB   . ALA A 1 13 ? -16.672 7.200   -9.954  1.00 0.00 ? 13 ALA A CB   1 
ATOM   205 H H    . ALA A 1 13 ? -17.206 4.711   -9.989  1.00 0.00 ? 13 ALA A H    1 
ATOM   206 H HA   . ALA A 1 13 ? -15.122 6.365   -11.213 1.00 0.00 ? 13 ALA A HA   1 
ATOM   207 H HB1  . ALA A 1 13 ? -17.200 7.003   -8.999  1.00 0.00 ? 13 ALA A HB1  1 
ATOM   208 H HB2  . ALA A 1 13 ? -17.446 7.203   -10.744 1.00 0.00 ? 13 ALA A HB2  1 
ATOM   209 H HB3  . ALA A 1 13 ? -16.270 8.226   -9.891  1.00 0.00 ? 13 ALA A HB3  1 
ATOM   210 N N    . LYS A 1 14 ? -14.665 5.637   -7.948  1.00 0.00 ? 14 LYS A N    1 
ATOM   211 C CA   . LYS A 1 14 ? -13.672 5.554   -6.845  1.00 0.00 ? 14 LYS A CA   1 
ATOM   212 C C    . LYS A 1 14 ? -12.493 4.582   -7.145  1.00 0.00 ? 14 LYS A C    1 
ATOM   213 O O    . LYS A 1 14 ? -11.358 4.893   -6.776  1.00 0.00 ? 14 LYS A O    1 
ATOM   214 C CB   . LYS A 1 14 ? -14.417 5.124   -5.543  1.00 0.00 ? 14 LYS A CB   1 
ATOM   215 C CG   . LYS A 1 14 ? -15.494 6.034   -4.891  1.00 0.00 ? 14 LYS A CG   1 
ATOM   216 C CD   . LYS A 1 14 ? -14.986 7.194   -4.004  1.00 0.00 ? 14 LYS A CD   1 
ATOM   217 C CE   . LYS A 1 14 ? -14.263 8.370   -4.694  1.00 0.00 ? 14 LYS A CE   1 
ATOM   218 N NZ   . LYS A 1 14 ? -15.096 9.087   -5.679  1.00 0.00 ? 14 LYS A NZ   1 
ATOM   219 H H    . LYS A 1 14 ? -15.567 5.151   -7.878  1.00 0.00 ? 14 LYS A H    1 
ATOM   220 H HA   . LYS A 1 14 ? -13.144 6.521   -6.776  1.00 0.00 ? 14 LYS A HA   1 
ATOM   221 H HB2  . LYS A 1 14 ? -14.914 4.150   -5.745  1.00 0.00 ? 14 LYS A HB2  1 
ATOM   222 H HB3  . LYS A 1 14 ? -13.681 4.869   -4.759  1.00 0.00 ? 14 LYS A HB3  1 
ATOM   223 H HG2  . LYS A 1 14 ? -16.268 6.407   -5.586  1.00 0.00 ? 14 LYS A HG2  1 
ATOM   224 H HG3  . LYS A 1 14 ? -16.085 5.351   -4.267  1.00 0.00 ? 14 LYS A HG3  1 
ATOM   225 H HD2  . LYS A 1 14 ? -15.847 7.595   -3.437  1.00 0.00 ? 14 LYS A HD2  1 
ATOM   226 H HD3  . LYS A 1 14 ? -14.316 6.779   -3.229  1.00 0.00 ? 14 LYS A HD3  1 
ATOM   227 H HE2  . LYS A 1 14 ? -13.936 9.091   -3.923  1.00 0.00 ? 14 LYS A HE2  1 
ATOM   228 H HE3  . LYS A 1 14 ? -13.331 8.028   -5.177  1.00 0.00 ? 14 LYS A HE3  1 
ATOM   229 H HZ1  . LYS A 1 14 ? -15.407 8.441   -6.412  1.00 0.00 ? 14 LYS A HZ1  1 
ATOM   230 H HZ2  . LYS A 1 14 ? -15.953 9.430   -5.231  1.00 0.00 ? 14 LYS A HZ2  1 
ATOM   231 N N    . LYS A 1 15 ? -12.746 3.423   -7.789  1.00 0.00 ? 15 LYS A N    1 
ATOM   232 C CA   . LYS A 1 15 ? -11.688 2.454   -8.180  1.00 0.00 ? 15 LYS A CA   1 
ATOM   233 C C    . LYS A 1 15 ? -10.669 3.017   -9.240  1.00 0.00 ? 15 LYS A C    1 
ATOM   234 O O    . LYS A 1 15 ? -9.582  2.449   -9.373  1.00 0.00 ? 15 LYS A O    1 
ATOM   235 C CB   . LYS A 1 15 ? -12.399 1.173   -8.713  1.00 0.00 ? 15 LYS A CB   1 
ATOM   236 C CG   . LYS A 1 15 ? -12.920 0.204   -7.624  1.00 0.00 ? 15 LYS A CG   1 
ATOM   237 C CD   . LYS A 1 15 ? -11.851 -0.604  -6.845  1.00 0.00 ? 15 LYS A CD   1 
ATOM   238 C CE   . LYS A 1 15 ? -11.005 -1.612  -7.652  1.00 0.00 ? 15 LYS A CE   1 
ATOM   239 N NZ   . LYS A 1 15 ? -11.790 -2.740  -8.190  1.00 0.00 ? 15 LYS A NZ   1 
ATOM   240 H H    . LYS A 1 15 ? -13.713 3.293   -8.098  1.00 0.00 ? 15 LYS A H    1 
ATOM   241 H HA   . LYS A 1 15 ? -11.107 2.206   -7.267  1.00 0.00 ? 15 LYS A HA   1 
ATOM   242 H HB2  . LYS A 1 15 ? -13.249 1.458   -9.363  1.00 0.00 ? 15 LYS A HB2  1 
ATOM   243 H HB3  . LYS A 1 15 ? -11.747 0.613   -9.405  1.00 0.00 ? 15 LYS A HB3  1 
ATOM   244 H HG2  . LYS A 1 15 ? -13.521 0.779   -6.897  1.00 0.00 ? 15 LYS A HG2  1 
ATOM   245 H HG3  . LYS A 1 15 ? -13.635 -0.501  -8.087  1.00 0.00 ? 15 LYS A HG3  1 
ATOM   246 H HD2  . LYS A 1 15 ? -11.166 0.101   -6.340  1.00 0.00 ? 15 LYS A HD2  1 
ATOM   247 H HD3  . LYS A 1 15 ? -12.350 -1.139  -6.016  1.00 0.00 ? 15 LYS A HD3  1 
ATOM   248 H HE2  . LYS A 1 15 ? -10.473 -1.106  -8.480  1.00 0.00 ? 15 LYS A HE2  1 
ATOM   249 H HE3  . LYS A 1 15 ? -10.210 -2.020  -7.001  1.00 0.00 ? 15 LYS A HE3  1 
ATOM   250 H HZ1  . LYS A 1 15 ? -11.170 -3.403  -8.669  1.00 0.00 ? 15 LYS A HZ1  1 
ATOM   251 H HZ2  . LYS A 1 15 ? -12.219 -3.267  -7.422  1.00 0.00 ? 15 LYS A HZ2  1 
ATOM   252 N N    . GLN A 1 16 ? -11.013 4.103   -9.977  1.00 0.00 ? 16 GLN A N    1 
ATOM   253 C CA   . GLN A 1 16 ? -10.113 4.757   -10.973 1.00 0.00 ? 16 GLN A CA   1 
ATOM   254 C C    . GLN A 1 16 ? -9.153  5.773   -10.288 1.00 0.00 ? 16 GLN A C    1 
ATOM   255 O O    . GLN A 1 16 ? -7.948  5.742   -10.562 1.00 0.00 ? 16 GLN A O    1 
ATOM   256 C CB   . GLN A 1 16 ? -10.940 5.429   -12.111 1.00 0.00 ? 16 GLN A CB   1 
ATOM   257 C CG   . GLN A 1 16 ? -11.722 4.465   -13.037 1.00 0.00 ? 16 GLN A CG   1 
ATOM   258 C CD   . GLN A 1 16 ? -12.549 5.193   -14.110 1.00 0.00 ? 16 GLN A CD   1 
ATOM   259 O OE1  . GLN A 1 16 ? -12.110 5.368   -15.246 1.00 0.00 ? 16 GLN A OE1  1 
ATOM   260 N NE2  . GLN A 1 16 ? -13.758 5.628   -13.781 1.00 0.00 ? 16 GLN A NE2  1 
ATOM   261 H H    . GLN A 1 16 ? -11.841 4.589   -9.593  1.00 0.00 ? 16 GLN A H    1 
ATOM   262 H HA   . GLN A 1 16 ? -9.445  3.978   -11.395 1.00 0.00 ? 16 GLN A HA   1 
ATOM   263 H HB2  . GLN A 1 16 ? -11.645 6.166   -11.675 1.00 0.00 ? 16 GLN A HB2  1 
ATOM   264 H HB3  . GLN A 1 16 ? -10.268 6.041   -12.747 1.00 0.00 ? 16 GLN A HB3  1 
ATOM   265 H HG2  . GLN A 1 16 ? -11.017 3.780   -13.543 1.00 0.00 ? 16 GLN A HG2  1 
ATOM   266 H HG3  . GLN A 1 16 ? -12.382 3.804   -12.444 1.00 0.00 ? 16 GLN A HG3  1 
ATOM   267 H HE21 . GLN A 1 16 ? -14.065 5.451   -12.819 1.00 0.00 ? 16 GLN A HE21 1 
ATOM   268 H HE22 . GLN A 1 16 ? -14.288 6.108   -14.517 1.00 0.00 ? 16 GLN A HE22 1 
ATOM   269 N N    . LEU A 1 17 ? -9.678  6.668   -9.418  1.00 0.00 ? 17 LEU A N    1 
ATOM   270 C CA   . LEU A 1 17 ? -8.866  7.659   -8.649  1.00 0.00 ? 17 LEU A CA   1 
ATOM   271 C C    . LEU A 1 17 ? -7.848  6.934   -7.704  1.00 0.00 ? 17 LEU A C    1 
ATOM   272 O O    . LEU A 1 17 ? -6.657  7.247   -7.741  1.00 0.00 ? 17 LEU A O    1 
ATOM   273 C CB   . LEU A 1 17 ? -9.829  8.657   -7.935  1.00 0.00 ? 17 LEU A CB   1 
ATOM   274 C CG   . LEU A 1 17 ? -9.285  10.023  -7.422  1.00 0.00 ? 17 LEU A CG   1 
ATOM   275 C CD1  . LEU A 1 17 ? -8.279  9.910   -6.263  1.00 0.00 ? 17 LEU A CD1  1 
ATOM   276 C CD2  . LEU A 1 17 ? -8.720  10.911  -8.550  1.00 0.00 ? 17 LEU A CD2  1 
ATOM   277 H H    . LEU A 1 17 ? -10.687 6.550   -9.277  1.00 0.00 ? 17 LEU A H    1 
ATOM   278 H HA   . LEU A 1 17 ? -8.277  8.232   -9.383  1.00 0.00 ? 17 LEU A HA   1 
ATOM   279 H HB2  . LEU A 1 17 ? -10.659 8.906   -8.626  1.00 0.00 ? 17 LEU A HB2  1 
ATOM   280 H HB3  . LEU A 1 17 ? -10.335 8.140   -7.097  1.00 0.00 ? 17 LEU A HB3  1 
ATOM   281 H HG   . LEU A 1 17 ? -10.161 10.560  -7.013  1.00 0.00 ? 17 LEU A HG   1 
ATOM   282 H HD11 . LEU A 1 17 ? -7.306  9.504   -6.591  1.00 0.00 ? 17 LEU A HD11 1 
ATOM   283 H HD12 . LEU A 1 17 ? -8.656  9.254   -5.456  1.00 0.00 ? 17 LEU A HD12 1 
ATOM   284 H HD13 . LEU A 1 17 ? -8.074  10.896  -5.807  1.00 0.00 ? 17 LEU A HD13 1 
ATOM   285 H HD21 . LEU A 1 17 ? -9.452  11.046  -9.367  1.00 0.00 ? 17 LEU A HD21 1 
ATOM   286 H HD22 . LEU A 1 17 ? -7.802  10.487  -8.999  1.00 0.00 ? 17 LEU A HD22 1 
ATOM   287 H HD23 . LEU A 1 17 ? -8.464  11.922  -8.181  1.00 0.00 ? 17 LEU A HD23 1 
ATOM   288 N N    . GLU A 1 18 ? -8.326  5.950   -6.909  1.00 0.00 ? 18 GLU A N    1 
ATOM   289 C CA   . GLU A 1 18 ? -7.485  5.124   -5.995  1.00 0.00 ? 18 GLU A CA   1 
ATOM   290 C C    . GLU A 1 18 ? -6.393  4.285   -6.734  1.00 0.00 ? 18 GLU A C    1 
ATOM   291 O O    . GLU A 1 18 ? -5.302  4.144   -6.175  1.00 0.00 ? 18 GLU A O    1 
ATOM   292 C CB   . GLU A 1 18 ? -8.390  4.189   -5.137  1.00 0.00 ? 18 GLU A CB   1 
ATOM   293 C CG   . GLU A 1 18 ? -9.323  4.891   -4.122  1.00 0.00 ? 18 GLU A CG   1 
ATOM   294 C CD   . GLU A 1 18 ? -10.263 3.910   -3.417  1.00 0.00 ? 18 GLU A CD   1 
ATOM   295 O OE1  . GLU A 1 18 ? -11.392 3.641   -3.826  1.00 0.00 ? 18 GLU A OE1  1 
ATOM   296 O OE2  . GLU A 1 18 ? -9.700  3.371   -2.289  1.00 0.00 ? 18 GLU A OE2  1 
ATOM   297 H H    . GLU A 1 18 ? -9.332  5.793   -7.025  1.00 0.00 ? 18 GLU A H    1 
ATOM   298 H HA   . GLU A 1 18 ? -6.927  5.831   -5.340  1.00 0.00 ? 18 GLU A HA   1 
ATOM   299 H HB2  . GLU A 1 18 ? -8.996  3.543   -5.808  1.00 0.00 ? 18 GLU A HB2  1 
ATOM   300 H HB3  . GLU A 1 18 ? -7.759  3.473   -4.572  1.00 0.00 ? 18 GLU A HB3  1 
ATOM   301 H HG2  . GLU A 1 18 ? -8.728  5.444   -3.370  1.00 0.00 ? 18 GLU A HG2  1 
ATOM   302 H HG3  . GLU A 1 18 ? -9.941  5.657   -4.625  1.00 0.00 ? 18 GLU A HG3  1 
ATOM   303 H HE2  . GLU A 1 18 ? -8.811  3.703   -2.136  1.00 0.00 ? 18 GLU A HE2  1 
ATOM   304 N N    . ALA A 1 19 ? -6.654  3.729   -7.948  1.00 0.00 ? 19 ALA A N    1 
ATOM   305 C CA   . ALA A 1 19 ? -5.629  2.968   -8.725  1.00 0.00 ? 19 ALA A CA   1 
ATOM   306 C C    . ALA A 1 19 ? -4.362  3.805   -9.107  1.00 0.00 ? 19 ALA A C    1 
ATOM   307 O O    . ALA A 1 19 ? -3.251  3.271   -9.079  1.00 0.00 ? 19 ALA A O    1 
ATOM   308 C CB   . ALA A 1 19 ? -6.285  2.352   -9.973  1.00 0.00 ? 19 ALA A CB   1 
ATOM   309 H H    . ALA A 1 19 ? -7.576  3.943   -8.353  1.00 0.00 ? 19 ALA A H    1 
ATOM   310 H HA   . ALA A 1 19 ? -5.287  2.130   -8.092  1.00 0.00 ? 19 ALA A HA   1 
ATOM   311 H HB1  . ALA A 1 19 ? -7.106  1.661   -9.704  1.00 0.00 ? 19 ALA A HB1  1 
ATOM   312 H HB2  . ALA A 1 19 ? -5.560  1.761   -10.563 1.00 0.00 ? 19 ALA A HB2  1 
ATOM   313 H HB3  . ALA A 1 19 ? -6.708  3.120   -10.650 1.00 0.00 ? 19 ALA A HB3  1 
ATOM   314 N N    . GLU A 1 20 ? -4.540  5.101   -9.445  1.00 0.00 ? 20 GLU A N    1 
ATOM   315 C CA   . GLU A 1 20 ? -3.434  6.039   -9.780  1.00 0.00 ? 20 GLU A CA   1 
ATOM   316 C C    . GLU A 1 20 ? -2.586  6.415   -8.521  1.00 0.00 ? 20 GLU A C    1 
ATOM   317 O O    . GLU A 1 20 ? -1.358  6.350   -8.607  1.00 0.00 ? 20 GLU A O    1 
ATOM   318 C CB   . GLU A 1 20 ? -3.987  7.313   -10.481 1.00 0.00 ? 20 GLU A CB   1 
ATOM   319 C CG   . GLU A 1 20 ? -4.676  7.090   -11.848 1.00 0.00 ? 20 GLU A CG   1 
ATOM   320 C CD   . GLU A 1 20 ? -5.206  8.390   -12.457 1.00 0.00 ? 20 GLU A CD   1 
ATOM   321 O OE1  . GLU A 1 20 ? -6.358  8.793   -12.297 1.00 0.00 ? 20 GLU A OE1  1 
ATOM   322 O OE2  . GLU A 1 20 ? -4.253  9.045   -13.196 1.00 0.00 ? 20 GLU A OE2  1 
ATOM   323 H H    . GLU A 1 20 ? -5.518  5.406   -9.400  1.00 0.00 ? 20 GLU A H    1 
ATOM   324 H HA   . GLU A 1 20 ? -2.750  5.527   -10.489 1.00 0.00 ? 20 GLU A HA   1 
ATOM   325 H HB2  . GLU A 1 20 ? -4.687  7.835   -9.800  1.00 0.00 ? 20 GLU A HB2  1 
ATOM   326 H HB3  . GLU A 1 20 ? -3.151  8.024   -10.632 1.00 0.00 ? 20 GLU A HB3  1 
ATOM   327 H HG2  . GLU A 1 20 ? -3.978  6.607   -12.558 1.00 0.00 ? 20 GLU A HG2  1 
ATOM   328 H HG3  . GLU A 1 20 ? -5.523  6.386   -11.743 1.00 0.00 ? 20 GLU A HG3  1 
ATOM   329 H HE2  . GLU A 1 20 ? -3.417  8.573   -13.202 1.00 0.00 ? 20 GLU A HE2  1 
ATOM   330 N N    . GLN A 1 21 ? -3.207  6.786   -7.370  1.00 0.00 ? 21 GLN A N    1 
ATOM   331 C CA   . GLN A 1 21 ? -2.478  7.113   -6.106  1.00 0.00 ? 21 GLN A CA   1 
ATOM   332 C C    . GLN A 1 21 ? -1.646  5.919   -5.532  1.00 0.00 ? 21 GLN A C    1 
ATOM   333 O O    . GLN A 1 21 ? -0.491  6.112   -5.143  1.00 0.00 ? 21 GLN A O    1 
ATOM   334 C CB   . GLN A 1 21 ? -3.437  7.678   -5.018  1.00 0.00 ? 21 GLN A CB   1 
ATOM   335 C CG   . GLN A 1 21 ? -4.370  8.824   -5.473  1.00 0.00 ? 21 GLN A CG   1 
ATOM   336 C CD   . GLN A 1 21 ? -4.980  9.631   -4.316  1.00 0.00 ? 21 GLN A CD   1 
ATOM   337 O OE1  . GLN A 1 21 ? -5.942  9.207   -3.676  1.00 0.00 ? 21 GLN A OE1  1 
ATOM   338 N NE2  . GLN A 1 21 ? -4.443  10.807  -4.027  1.00 0.00 ? 21 GLN A NE2  1 
ATOM   339 H H    . GLN A 1 21 ? -4.230  6.876   -7.402  1.00 0.00 ? 21 GLN A H    1 
ATOM   340 H HA   . GLN A 1 21 ? -1.761  7.920   -6.348  1.00 0.00 ? 21 GLN A HA   1 
ATOM   341 H HB2  . GLN A 1 21 ? -4.062  6.867   -4.596  1.00 0.00 ? 21 GLN A HB2  1 
ATOM   342 H HB3  . GLN A 1 21 ? -2.816  8.031   -4.172  1.00 0.00 ? 21 GLN A HB3  1 
ATOM   343 H HG2  . GLN A 1 21 ? -3.841  9.470   -6.196  1.00 0.00 ? 21 GLN A HG2  1 
ATOM   344 H HG3  . GLN A 1 21 ? -5.201  8.394   -6.059  1.00 0.00 ? 21 GLN A HG3  1 
ATOM   345 H HE21 . GLN A 1 21 ? -3.646  11.101  -4.602  1.00 0.00 ? 21 GLN A HE21 1 
ATOM   346 H HE22 . GLN A 1 21 ? -4.869  11.330  -3.254  1.00 0.00 ? 21 GLN A HE22 1 
ATOM   347 N N    . GLN A 1 22 ? -2.242  4.706   -5.497  1.00 0.00 ? 22 GLN A N    1 
ATOM   348 C CA   . GLN A 1 22 ? -1.564  3.455   -5.026  1.00 0.00 ? 22 GLN A CA   1 
ATOM   349 C C    . GLN A 1 22 ? -0.368  3.022   -5.924  1.00 0.00 ? 22 GLN A C    1 
ATOM   350 O O    . GLN A 1 22 ? 0.656   2.593   -5.383  1.00 0.00 ? 22 GLN A O    1 
ATOM   351 C CB   . GLN A 1 22 ? -2.569  2.264   -4.856  1.00 0.00 ? 22 GLN A CB   1 
ATOM   352 C CG   . GLN A 1 22 ? -3.629  2.474   -3.747  1.00 0.00 ? 22 GLN A CG   1 
ATOM   353 C CD   . GLN A 1 22 ? -4.720  1.390   -3.743  1.00 0.00 ? 22 GLN A CD   1 
ATOM   354 O OE1  . GLN A 1 22 ? -5.670  1.438   -4.525  1.00 0.00 ? 22 GLN A OE1  1 
ATOM   355 N NE2  . GLN A 1 22 ? -4.615  0.400   -2.870  1.00 0.00 ? 22 GLN A NE2  1 
ATOM   356 H H    . GLN A 1 22 ? -3.205  4.749   -5.852  1.00 0.00 ? 22 GLN A H    1 
ATOM   357 H HA   . GLN A 1 22 ? -1.099  3.723   -4.053  1.00 0.00 ? 22 GLN A HA   1 
ATOM   358 H HB2  . GLN A 1 22 ? -3.069  2.044   -5.822  1.00 0.00 ? 22 GLN A HB2  1 
ATOM   359 H HB3  . GLN A 1 22 ? -2.043  1.306   -4.641  1.00 0.00 ? 22 GLN A HB3  1 
ATOM   360 H HG2  . GLN A 1 22 ? -3.129  2.541   -2.761  1.00 0.00 ? 22 GLN A HG2  1 
ATOM   361 H HG3  . GLN A 1 22 ? -4.128  3.452   -3.878  1.00 0.00 ? 22 GLN A HG3  1 
ATOM   362 H HE21 . GLN A 1 22 ? -3.802  0.424   -2.244  1.00 0.00 ? 22 GLN A HE21 1 
ATOM   363 H HE22 . GLN A 1 22 ? -5.358  -0.308  -2.887  1.00 0.00 ? 22 GLN A HE22 1 
ATOM   364 N N    . LYS A 1 23 ? -0.492  3.118   -7.268  1.00 0.00 ? 23 LYS A N    1 
ATOM   365 C CA   . LYS A 1 23 ? 0.609   2.786   -8.215  1.00 0.00 ? 23 LYS A CA   1 
ATOM   366 C C    . LYS A 1 23 ? 1.799   3.779   -8.101  1.00 0.00 ? 23 LYS A C    1 
ATOM   367 O O    . LYS A 1 23 ? 2.951   3.335   -8.118  1.00 0.00 ? 23 LYS A O    1 
ATOM   368 C CB   . LYS A 1 23 ? 0.008   2.640   -9.643  1.00 0.00 ? 23 LYS A CB   1 
ATOM   369 C CG   . LYS A 1 23 ? 0.970   2.149   -10.747 1.00 0.00 ? 23 LYS A CG   1 
ATOM   370 C CD   . LYS A 1 23 ? 1.674   0.790   -10.524 1.00 0.00 ? 23 LYS A CD   1 
ATOM   371 C CE   . LYS A 1 23 ? 0.729   -0.425  -10.456 1.00 0.00 ? 23 LYS A CE   1 
ATOM   372 N NZ   . LYS A 1 23 ? 1.480   -1.679  -10.260 1.00 0.00 ? 23 LYS A NZ   1 
ATOM   373 H H    . LYS A 1 23 ? -1.382  3.510   -7.590  1.00 0.00 ? 23 LYS A H    1 
ATOM   374 H HA   . LYS A 1 23 ? 1.038   1.837   -7.855  1.00 0.00 ? 23 LYS A HA   1 
ATOM   375 H HB2  . LYS A 1 23 ? -0.869  1.963   -9.626  1.00 0.00 ? 23 LYS A HB2  1 
ATOM   376 H HB3  . LYS A 1 23 ? -0.417  3.612   -9.970  1.00 0.00 ? 23 LYS A HB3  1 
ATOM   377 H HG2  . LYS A 1 23 ? 0.412   2.118   -11.700 1.00 0.00 ? 23 LYS A HG2  1 
ATOM   378 H HG3  . LYS A 1 23 ? 1.744   2.925   -10.894 1.00 0.00 ? 23 LYS A HG3  1 
ATOM   379 H HD2  . LYS A 1 23 ? 2.398   0.642   -11.349 1.00 0.00 ? 23 LYS A HD2  1 
ATOM   380 H HD3  . LYS A 1 23 ? 2.292   0.844   -9.608  1.00 0.00 ? 23 LYS A HD3  1 
ATOM   381 H HE2  . LYS A 1 23 ? 0.007   -0.311  -9.628  1.00 0.00 ? 23 LYS A HE2  1 
ATOM   382 H HE3  . LYS A 1 23 ? 0.132   -0.501  -11.383 1.00 0.00 ? 23 LYS A HE3  1 
ATOM   383 H HZ1  . LYS A 1 23 ? 2.036   -1.625  -9.400  1.00 0.00 ? 23 LYS A HZ1  1 
ATOM   384 H HZ2  . LYS A 1 23 ? 2.158   -1.804  -11.020 1.00 0.00 ? 23 LYS A HZ2  1 
ATOM   385 N N    . LEU A 1 24 ? 1.527   5.095   -7.987  1.00 0.00 ? 24 LEU A N    1 
ATOM   386 C CA   . LEU A 1 24 ? 2.581   6.127   -7.800  1.00 0.00 ? 24 LEU A CA   1 
ATOM   387 C C    . LEU A 1 24 ? 3.321   5.969   -6.418  1.00 0.00 ? 24 LEU A C    1 
ATOM   388 O O    . LEU A 1 24 ? 4.439   6.473   -6.297  1.00 0.00 ? 24 LEU A O    1 
ATOM   389 C CB   . LEU A 1 24 ? 1.970   7.546   -7.949  1.00 0.00 ? 24 LEU A CB   1 
ATOM   390 C CG   . LEU A 1 24 ? 1.529   7.926   -9.391  1.00 0.00 ? 24 LEU A CG   1 
ATOM   391 C CD1  . LEU A 1 24 ? 0.719   9.226   -9.357  1.00 0.00 ? 24 LEU A CD1  1 
ATOM   392 C CD2  . LEU A 1 24 ? 2.704   8.061   -10.381 1.00 0.00 ? 24 LEU A CD2  1 
ATOM   393 H H    . LEU A 1 24 ? 0.533   5.333   -8.046  1.00 0.00 ? 24 LEU A H    1 
ATOM   394 H HA   . LEU A 1 24 ? 3.342   5.990   -8.592  1.00 0.00 ? 24 LEU A HA   1 
ATOM   395 H HB2  . LEU A 1 24 ? 1.110   7.648   -7.253  1.00 0.00 ? 24 LEU A HB2  1 
ATOM   396 H HB3  . LEU A 1 24 ? 2.686   8.312   -7.591  1.00 0.00 ? 24 LEU A HB3  1 
ATOM   397 H HG   . LEU A 1 24 ? 0.857   7.139   -9.780  1.00 0.00 ? 24 LEU A HG   1 
ATOM   398 H HD11 . LEU A 1 24 ? 0.354   9.494   -10.363 1.00 0.00 ? 24 LEU A HD11 1 
ATOM   399 H HD12 . LEU A 1 24 ? 1.326   10.069  -8.976  1.00 0.00 ? 24 LEU A HD12 1 
ATOM   400 H HD13 . LEU A 1 24 ? -0.164  9.123   -8.701  1.00 0.00 ? 24 LEU A HD13 1 
ATOM   401 H HD21 . LEU A 1 24 ? 3.239   7.105   -10.517 1.00 0.00 ? 24 LEU A HD21 1 
ATOM   402 H HD22 . LEU A 1 24 ? 2.355   8.366   -11.385 1.00 0.00 ? 24 LEU A HD22 1 
ATOM   403 H HD23 . LEU A 1 24 ? 3.445   8.809   -10.044 1.00 0.00 ? 24 LEU A HD23 1 
ATOM   404 N N    . GLU A 1 25 ? 2.720   5.292   -5.398  1.00 0.00 ? 25 GLU A N    1 
ATOM   405 C CA   . GLU A 1 25 ? 3.367   5.045   -4.081  1.00 0.00 ? 25 GLU A CA   1 
ATOM   406 C C    . GLU A 1 25 ? 4.427   3.908   -4.219  1.00 0.00 ? 25 GLU A C    1 
ATOM   407 O O    . GLU A 1 25 ? 5.552   4.077   -3.744  1.00 0.00 ? 25 GLU A O    1 
ATOM   408 C CB   . GLU A 1 25 ? 2.262   4.800   -3.019  1.00 0.00 ? 25 GLU A CB   1 
ATOM   409 C CG   . GLU A 1 25 ? 2.777   4.669   -1.573  1.00 0.00 ? 25 GLU A CG   1 
ATOM   410 C CD   . GLU A 1 25 ? 1.647   4.462   -0.560  1.00 0.00 ? 25 GLU A CD   1 
ATOM   411 O OE1  . GLU A 1 25 ? 1.235   3.353   -0.222  1.00 0.00 ? 25 GLU A OE1  1 
ATOM   412 O OE2  . GLU A 1 25 ? 1.154   5.649   -0.081  1.00 0.00 ? 25 GLU A OE2  1 
ATOM   413 H H    . GLU A 1 25 ? 1.923   4.697   -5.695  1.00 0.00 ? 25 GLU A H    1 
ATOM   414 H HA   . GLU A 1 25 ? 3.933   5.956   -3.818  1.00 0.00 ? 25 GLU A HA   1 
ATOM   415 H HB2  . GLU A 1 25 ? 1.534   5.634   -3.054  1.00 0.00 ? 25 GLU A HB2  1 
ATOM   416 H HB3  . GLU A 1 25 ? 1.682   3.895   -3.282  1.00 0.00 ? 25 GLU A HB3  1 
ATOM   417 H HG2  . GLU A 1 25 ? 3.474   3.815   -1.501  1.00 0.00 ? 25 GLU A HG2  1 
ATOM   418 H HG3  . GLU A 1 25 ? 3.365   5.564   -1.299  1.00 0.00 ? 25 GLU A HG3  1 
ATOM   419 H HE2  . GLU A 1 25 ? 1.604   6.406   -0.464  1.00 0.00 ? 25 GLU A HE2  1 
ATOM   420 N N    . GLU A 1 26 ? 4.065   2.771   -4.856  1.00 0.00 ? 26 GLU A N    1 
ATOM   421 C CA   . GLU A 1 26 ? 4.985   1.632   -5.118  1.00 0.00 ? 26 GLU A CA   1 
ATOM   422 C C    . GLU A 1 26 ? 6.204   2.059   -6.019  1.00 0.00 ? 26 GLU A C    1 
ATOM   423 O O    . GLU A 1 26 ? 7.330   1.634   -5.753  1.00 0.00 ? 26 GLU A O    1 
ATOM   424 C CB   . GLU A 1 26 ? 4.147   0.476   -5.732  1.00 0.00 ? 26 GLU A CB   1 
ATOM   425 C CG   . GLU A 1 26 ? 4.890   -0.868  -5.895  1.00 0.00 ? 26 GLU A CG   1 
ATOM   426 C CD   . GLU A 1 26 ? 4.003   -1.952  -6.517  1.00 0.00 ? 26 GLU A CD   1 
ATOM   427 O OE1  . GLU A 1 26 ? 3.939   -2.164  -7.727  1.00 0.00 ? 26 GLU A OE1  1 
ATOM   428 O OE2  . GLU A 1 26 ? 3.296   -2.649  -5.570  1.00 0.00 ? 26 GLU A OE2  1 
ATOM   429 H H    . GLU A 1 26 ? 3.088   2.754   -5.150  1.00 0.00 ? 26 GLU A H    1 
ATOM   430 H HA   . GLU A 1 26 ? 5.359   1.302   -4.134  1.00 0.00 ? 26 GLU A HA   1 
ATOM   431 H HB2  . GLU A 1 26 ? 3.255   0.294   -5.099  1.00 0.00 ? 26 GLU A HB2  1 
ATOM   432 H HB3  . GLU A 1 26 ? 3.745   0.791   -6.715  1.00 0.00 ? 26 GLU A HB3  1 
ATOM   433 H HG2  . GLU A 1 26 ? 5.782   -0.738  -6.536  1.00 0.00 ? 26 GLU A HG2  1 
ATOM   434 H HG3  . GLU A 1 26 ? 5.276   -1.217  -4.919  1.00 0.00 ? 26 GLU A HG3  1 
ATOM   435 H HE2  . GLU A 1 26 ? 2.740   -3.327  -5.964  1.00 0.00 ? 26 GLU A HE2  1 
ATOM   436 N N    . GLN A 1 27 ? 5.965   2.896   -7.061  1.00 0.00 ? 27 GLN A N    1 
ATOM   437 C CA   . GLN A 1 27 ? 7.014   3.430   -7.968  1.00 0.00 ? 27 GLN A CA   1 
ATOM   438 C C    . GLN A 1 27 ? 7.993   4.428   -7.270  1.00 0.00 ? 27 GLN A C    1 
ATOM   439 O O    . GLN A 1 27 ? 9.197   4.346   -7.524  1.00 0.00 ? 27 GLN A O    1 
ATOM   440 C CB   . GLN A 1 27 ? 6.293   4.022   -9.216  1.00 0.00 ? 27 GLN A CB   1 
ATOM   441 C CG   . GLN A 1 27 ? 7.174   4.429   -10.421 1.00 0.00 ? 27 GLN A CG   1 
ATOM   442 C CD   . GLN A 1 27 ? 7.879   5.795   -10.296 1.00 0.00 ? 27 GLN A CD   1 
ATOM   443 O OE1  . GLN A 1 27 ? 7.254   6.821   -10.028 1.00 0.00 ? 27 GLN A OE1  1 
ATOM   444 N NE2  . GLN A 1 27 ? 9.187   5.842   -10.503 1.00 0.00 ? 27 GLN A NE2  1 
ATOM   445 H H    . GLN A 1 27 ? 4.989   3.207   -7.153  1.00 0.00 ? 27 GLN A H    1 
ATOM   446 H HA   . GLN A 1 27 ? 7.619   2.571   -8.303  1.00 0.00 ? 27 GLN A HA   1 
ATOM   447 H HB2  . GLN A 1 27 ? 5.583   3.263   -9.601  1.00 0.00 ? 27 GLN A HB2  1 
ATOM   448 H HB3  . GLN A 1 27 ? 5.647   4.873   -8.921  1.00 0.00 ? 27 GLN A HB3  1 
ATOM   449 H HG2  . GLN A 1 27 ? 7.891   3.614   -10.643 1.00 0.00 ? 27 GLN A HG2  1 
ATOM   450 H HG3  . GLN A 1 27 ? 6.530   4.482   -11.318 1.00 0.00 ? 27 GLN A HG3  1 
ATOM   451 H HE21 . GLN A 1 27 ? 9.648   4.954   -10.725 1.00 0.00 ? 27 GLN A HE21 1 
ATOM   452 H HE22 . GLN A 1 27 ? 9.630   6.763   -10.420 1.00 0.00 ? 27 GLN A HE22 1 
ATOM   453 N N    . ASN A 1 28 ? 7.502   5.359   -6.424  1.00 0.00 ? 28 ASN A N    1 
ATOM   454 C CA   . ASN A 1 28 ? 8.372   6.319   -5.679  1.00 0.00 ? 28 ASN A CA   1 
ATOM   455 C C    . ASN A 1 28 ? 9.218   5.651   -4.543  1.00 0.00 ? 28 ASN A C    1 
ATOM   456 O O    . ASN A 1 28 ? 10.401  5.974   -4.406  1.00 0.00 ? 28 ASN A O    1 
ATOM   457 C CB   . ASN A 1 28 ? 7.539   7.513   -5.133  1.00 0.00 ? 28 ASN A CB   1 
ATOM   458 C CG   . ASN A 1 28 ? 6.943   8.485   -6.179  1.00 0.00 ? 28 ASN A CG   1 
ATOM   459 O OD1  . ASN A 1 28 ? 7.299   8.497   -7.358  1.00 0.00 ? 28 ASN A OD1  1 
ATOM   460 N ND2  . ASN A 1 28 ? 6.022   9.336   -5.753  1.00 0.00 ? 28 ASN A ND2  1 
ATOM   461 H H    . ASN A 1 28 ? 6.500   5.250   -6.218  1.00 0.00 ? 28 ASN A H    1 
ATOM   462 H HA   . ASN A 1 28 ? 9.101   6.744   -6.398  1.00 0.00 ? 28 ASN A HA   1 
ATOM   463 H HB2  . ASN A 1 28 ? 6.735   7.129   -4.474  1.00 0.00 ? 28 ASN A HB2  1 
ATOM   464 H HB3  . ASN A 1 28 ? 8.181   8.122   -4.466  1.00 0.00 ? 28 ASN A HB3  1 
ATOM   465 H HD21 . ASN A 1 28 ? 5.774   9.283   -4.760  1.00 0.00 ? 28 ASN A HD21 1 
ATOM   466 H HD22 . ASN A 1 28 ? 5.636   9.982   -6.451  1.00 0.00 ? 28 ASN A HD22 1 
ATOM   467 N N    . LYS A 1 29 ? 8.623   4.735   -3.751  1.00 0.00 ? 29 LYS A N    1 
ATOM   468 C CA   . LYS A 1 29 ? 9.320   3.989   -2.666  1.00 0.00 ? 29 LYS A CA   1 
ATOM   469 C C    . LYS A 1 29 ? 10.372  2.920   -3.115  1.00 0.00 ? 29 LYS A C    1 
ATOM   470 O O    . LYS A 1 29 ? 11.250  2.600   -2.311  1.00 0.00 ? 29 LYS A O    1 
ATOM   471 C CB   . LYS A 1 29 ? 8.189   3.336   -1.798  1.00 0.00 ? 29 LYS A CB   1 
ATOM   472 C CG   . LYS A 1 29 ? 8.611   2.727   -0.441  1.00 0.00 ? 29 LYS A CG   1 
ATOM   473 C CD   . LYS A 1 29 ? 9.075   3.740   0.628   1.00 0.00 ? 29 LYS A CD   1 
ATOM   474 C CE   . LYS A 1 29 ? 9.595   3.108   1.935   1.00 0.00 ? 29 LYS A CE   1 
ATOM   475 N NZ   . LYS A 1 29 ? 8.548   2.426   2.722   1.00 0.00 ? 29 LYS A NZ   1 
ATOM   476 H H    . LYS A 1 29 ? 7.647   4.530   -3.990  1.00 0.00 ? 29 LYS A H    1 
ATOM   477 H HA   . LYS A 1 29 ? 9.894   4.721   -2.065  1.00 0.00 ? 29 LYS A HA   1 
ATOM   478 H HB2  . LYS A 1 29 ? 7.342   4.032   -1.599  1.00 0.00 ? 29 LYS A HB2  1 
ATOM   479 H HB3  . LYS A 1 29 ? 7.723   2.527   -2.394  1.00 0.00 ? 29 LYS A HB3  1 
ATOM   480 H HG2  . LYS A 1 29 ? 7.752   2.154   -0.043  1.00 0.00 ? 29 LYS A HG2  1 
ATOM   481 H HG3  . LYS A 1 29 ? 9.400   1.973   -0.608  1.00 0.00 ? 29 LYS A HG3  1 
ATOM   482 H HD2  . LYS A 1 29 ? 9.893   4.356   0.209   1.00 0.00 ? 29 LYS A HD2  1 
ATOM   483 H HD3  . LYS A 1 29 ? 8.261   4.455   0.851   1.00 0.00 ? 29 LYS A HD3  1 
ATOM   484 H HE2  . LYS A 1 29 ? 10.412  2.395   1.718   1.00 0.00 ? 29 LYS A HE2  1 
ATOM   485 H HE3  . LYS A 1 29 ? 10.049  3.895   2.564   1.00 0.00 ? 29 LYS A HE3  1 
ATOM   486 H HZ1  . LYS A 1 29 ? 7.794   3.084   2.948   1.00 0.00 ? 29 LYS A HZ1  1 
ATOM   487 H HZ2  . LYS A 1 29 ? 8.112   1.686   2.160   1.00 0.00 ? 29 LYS A HZ2  1 
ATOM   488 N N    . ILE A 1 30 ? 10.308  2.378   -4.355  1.00 0.00 ? 30 ILE A N    1 
ATOM   489 C CA   . ILE A 1 30 ? 11.253  1.347   -4.888  1.00 0.00 ? 30 ILE A CA   1 
ATOM   490 C C    . ILE A 1 30 ? 11.077  -0.007  -4.096  1.00 0.00 ? 30 ILE A C    1 
ATOM   491 O O    . ILE A 1 30 ? 12.056  -0.580  -3.613  1.00 0.00 ? 30 ILE A O    1 
ATOM   492 C CB   . ILE A 1 30 ? 12.726  1.908   -5.031  1.00 0.00 ? 30 ILE A CB   1 
ATOM   493 C CG1  . ILE A 1 30 ? 12.897  3.324   -5.680  1.00 0.00 ? 30 ILE A CG1  1 
ATOM   494 C CG2  . ILE A 1 30 ? 13.697  0.925   -5.738  1.00 0.00 ? 30 ILE A CG2  1 
ATOM   495 C CD1  . ILE A 1 30 ? 12.412  3.476   -7.132  1.00 0.00 ? 30 ILE A CD1  1 
ATOM   496 H H    . ILE A 1 30 ? 9.696   2.887   -4.993  1.00 0.00 ? 30 ILE A H    1 
ATOM   497 H HA   . ILE A 1 30 ? 10.922  1.118   -5.920  1.00 0.00 ? 30 ILE A HA   1 
ATOM   498 H HB   . ILE A 1 30 ? 13.078  2.032   -3.996  1.00 0.00 ? 30 ILE A HB   1 
ATOM   499 H HG12 . ILE A 1 30 ? 12.405  4.094   -5.053  1.00 0.00 ? 30 ILE A HG12 1 
ATOM   500 H HG13 . ILE A 1 30 ? 13.963  3.614   -5.643  1.00 0.00 ? 30 ILE A HG13 1 
ATOM   501 H HG21 . ILE A 1 30 ? 13.367  0.686   -6.766  1.00 0.00 ? 30 ILE A HG21 1 
ATOM   502 H HG22 . ILE A 1 30 ? 13.801  -0.034  -5.206  1.00 0.00 ? 30 ILE A HG22 1 
ATOM   503 H HG23 . ILE A 1 30 ? 14.721  1.336   -5.812  1.00 0.00 ? 30 ILE A HG23 1 
ATOM   504 H HD11 . ILE A 1 30 ? 12.475  4.528   -7.466  1.00 0.00 ? 30 ILE A HD11 1 
ATOM   505 H HD12 . ILE A 1 30 ? 13.020  2.875   -7.832  1.00 0.00 ? 30 ILE A HD12 1 
ATOM   506 H HD13 . ILE A 1 30 ? 11.364  3.154   -7.249  1.00 0.00 ? 30 ILE A HD13 1 
ATOM   507 N N    . SER A 1 31 ? 9.819   -0.515  -3.955  1.00 0.00 ? 31 SER A N    1 
ATOM   508 C CA   . SER A 1 31 ? 9.491   -1.786  -3.231  1.00 0.00 ? 31 SER A CA   1 
ATOM   509 C C    . SER A 1 31 ? 10.050  -1.810  -1.773  1.00 0.00 ? 31 SER A C    1 
ATOM   510 O O    . SER A 1 31 ? 10.978  -2.562  -1.460  1.00 0.00 ? 31 SER A O    1 
ATOM   511 C CB   . SER A 1 31 ? 9.874   -3.017  -4.092  1.00 0.00 ? 31 SER A CB   1 
ATOM   512 O OG   . SER A 1 31 ? 9.390   -4.219  -3.504  1.00 0.00 ? 31 SER A OG   1 
ATOM   513 H H    . SER A 1 31 ? 9.077   0.171   -4.146  1.00 0.00 ? 31 SER A H    1 
ATOM   514 H HA   . SER A 1 31 ? 8.387   -1.810  -3.151  1.00 0.00 ? 31 SER A HA   1 
ATOM   515 H HB2  . SER A 1 31 ? 9.453   -2.929  -5.110  1.00 0.00 ? 31 SER A HB2  1 
ATOM   516 H HB3  . SER A 1 31 ? 10.970  -3.089  -4.218  1.00 0.00 ? 31 SER A HB3  1 
ATOM   517 H HG   . SER A 1 31 ? 9.806   -4.277  -2.640  1.00 0.00 ? 31 SER A HG   1 
ATOM   518 N N    . GLU A 1 32 ? 9.477   -0.954  -0.897  1.00 0.00 ? 32 GLU A N    1 
ATOM   519 C CA   . GLU A 1 32 ? 9.882   -0.821  0.539   1.00 0.00 ? 32 GLU A CA   1 
ATOM   520 C C    . GLU A 1 32 ? 11.397  -0.432  0.741   1.00 0.00 ? 32 GLU A C    1 
ATOM   521 O O    . GLU A 1 32 ? 12.048  -0.913  1.675   1.00 0.00 ? 32 GLU A O    1 
ATOM   522 C CB   . GLU A 1 32 ? 9.440   -2.055  1.389   1.00 0.00 ? 32 GLU A CB   1 
ATOM   523 C CG   . GLU A 1 32 ? 7.924   -2.358  1.426   1.00 0.00 ? 32 GLU A CG   1 
ATOM   524 C CD   . GLU A 1 32 ? 7.593   -3.572  2.298   1.00 0.00 ? 32 GLU A CD   1 
ATOM   525 O OE1  . GLU A 1 32 ? 7.516   -4.720  1.860   1.00 0.00 ? 32 GLU A OE1  1 
ATOM   526 O OE2  . GLU A 1 32 ? 7.395   -3.231  3.612   1.00 0.00 ? 32 GLU A OE2  1 
ATOM   527 H H    . GLU A 1 32 ? 8.702   -0.404  -1.282  1.00 0.00 ? 32 GLU A H    1 
ATOM   528 H HA   . GLU A 1 32 ? 9.318   0.043   0.934   1.00 0.00 ? 32 GLU A HA   1 
ATOM   529 H HB2  . GLU A 1 32 ? 9.987   -2.952  1.041   1.00 0.00 ? 32 GLU A HB2  1 
ATOM   530 H HB3  . GLU A 1 32 ? 9.776   -1.899  2.432   1.00 0.00 ? 32 GLU A HB3  1 
ATOM   531 H HG2  . GLU A 1 32 ? 7.364   -1.477  1.789   1.00 0.00 ? 32 GLU A HG2  1 
ATOM   532 H HG3  . GLU A 1 32 ? 7.546   -2.549  0.405   1.00 0.00 ? 32 GLU A HG3  1 
ATOM   533 H HE2  . GLU A 1 32 ? 7.187   -3.996  4.153   1.00 0.00 ? 32 GLU A HE2  1 
ATOM   534 N N    . ALA A 1 33 ? 11.947  0.464   -0.121  1.00 0.00 ? 33 ALA A N    1 
ATOM   535 C CA   . ALA A 1 33 ? 13.360  0.939   -0.080  1.00 0.00 ? 33 ALA A CA   1 
ATOM   536 C C    . ALA A 1 33 ? 14.385  -0.225  -0.255  1.00 0.00 ? 33 ALA A C    1 
ATOM   537 O O    . ALA A 1 33 ? 14.987  -0.682  0.722   1.00 0.00 ? 33 ALA A O    1 
ATOM   538 C CB   . ALA A 1 33 ? 13.631  1.847   1.142   1.00 0.00 ? 33 ALA A CB   1 
ATOM   539 H H    . ALA A 1 33 ? 11.330  0.736   -0.898  1.00 0.00 ? 33 ALA A H    1 
ATOM   540 H HA   . ALA A 1 33 ? 13.478  1.604   -0.957  1.00 0.00 ? 33 ALA A HA   1 
ATOM   541 H HB1  . ALA A 1 33 ? 13.540  1.304   2.100   1.00 0.00 ? 33 ALA A HB1  1 
ATOM   542 H HB2  . ALA A 1 33 ? 14.650  2.276   1.106   1.00 0.00 ? 33 ALA A HB2  1 
ATOM   543 H HB3  . ALA A 1 33 ? 12.929  2.700   1.180   1.00 0.00 ? 33 ALA A HB3  1 
ATOM   544 N N    . SER A 1 34 ? 14.560  -0.694  -1.508  1.00 0.00 ? 34 SER A N    1 
ATOM   545 C CA   . SER A 1 34 ? 15.495  -1.802  -1.845  1.00 0.00 ? 34 SER A CA   1 
ATOM   546 C C    . SER A 1 34 ? 16.838  -1.287  -2.455  1.00 0.00 ? 34 SER A C    1 
ATOM   547 O O    . SER A 1 34 ? 17.138  -1.536  -3.628  1.00 0.00 ? 34 SER A O    1 
ATOM   548 C CB   . SER A 1 34 ? 14.745  -2.834  -2.727  1.00 0.00 ? 34 SER A CB   1 
ATOM   549 O OG   . SER A 1 34 ? 14.357  -2.304  -3.991  1.00 0.00 ? 34 SER A OG   1 
ATOM   550 H H    . SER A 1 34 ? 14.040  -0.187  -2.232  1.00 0.00 ? 34 SER A H    1 
ATOM   551 H HA   . SER A 1 34 ? 15.738  -2.390  -0.937  1.00 0.00 ? 34 SER A HA   1 
ATOM   552 H HB2  . SER A 1 34 ? 15.384  -3.722  -2.895  1.00 0.00 ? 34 SER A HB2  1 
ATOM   553 H HB3  . SER A 1 34 ? 13.847  -3.215  -2.205  1.00 0.00 ? 34 SER A HB3  1 
ATOM   554 H HG   . SER A 1 34 ? 13.928  -3.023  -4.460  1.00 0.00 ? 34 SER A HG   1 
ATOM   555 N N    . ARG A 1 35 ? 17.675  -0.605  -1.640  1.00 0.00 ? 35 ARG A N    1 
ATOM   556 C CA   . ARG A 1 35 ? 19.003  -0.094  -2.068  1.00 0.00 ? 35 ARG A CA   1 
ATOM   557 C C    . ARG A 1 35 ? 20.054  -1.223  -2.213  1.00 0.00 ? 35 ARG A C    1 
ATOM   558 O O    . ARG A 1 35 ? 20.454  -1.559  -3.331  1.00 0.00 ? 35 ARG A O    1 
ATOM   559 C CB   . ARG A 1 35 ? 19.458  0.957   -1.008  1.00 0.00 ? 35 ARG A CB   1 
ATOM   560 C CG   . ARG A 1 35 ? 18.597  2.249   -0.883  1.00 0.00 ? 35 ARG A CG   1 
ATOM   561 C CD   . ARG A 1 35 ? 19.307  3.546   -1.324  1.00 0.00 ? 35 ARG A CD   1 
ATOM   562 N NE   . ARG A 1 35 ? 18.412  4.719   -1.175  1.00 0.00 ? 35 ARG A NE   1 
ATOM   563 C CZ   . ARG A 1 35 ? 18.767  5.991   -1.442  1.00 0.00 ? 35 ARG A CZ   1 
ATOM   564 N NH1  . ARG A 1 35 ? 19.976  6.353   -1.867  1.00 0.00 ? 35 ARG A NH1  1 
ATOM   565 N NH2  . ARG A 1 35 ? 17.861  6.936   -1.271  1.00 0.00 ? 35 ARG A NH2  1 
ATOM   566 H H    . ARG A 1 35 ? 17.263  -0.153  -0.815  1.00 0.00 ? 35 ARG A H    1 
ATOM   567 H HA   . ARG A 1 35 ? 18.889  0.367   -3.070  1.00 0.00 ? 35 ARG A HA   1 
ATOM   568 H HB2  . ARG A 1 35 ? 19.462  0.462   -0.017  1.00 0.00 ? 35 ARG A HB2  1 
ATOM   569 H HB3  . ARG A 1 35 ? 20.526  1.225   -1.136  1.00 0.00 ? 35 ARG A HB3  1 
ATOM   570 H HG2  . ARG A 1 35 ? 17.634  2.151   -1.421  1.00 0.00 ? 35 ARG A HG2  1 
ATOM   571 H HG3  . ARG A 1 35 ? 18.284  2.333   0.175   1.00 0.00 ? 35 ARG A HG3  1 
ATOM   572 H HD2  . ARG A 1 35 ? 20.224  3.693   -0.723  1.00 0.00 ? 35 ARG A HD2  1 
ATOM   573 H HD3  . ARG A 1 35 ? 19.632  3.456   -2.379  1.00 0.00 ? 35 ARG A HD3  1 
ATOM   574 H HH11 . ARG A 1 35 ? 20.664  5.601   -1.991  1.00 0.00 ? 35 ARG A HH11 1 
ATOM   575 H HH12 . ARG A 1 35 ? 20.123  7.354   -2.036  1.00 0.00 ? 35 ARG A HH12 1 
ATOM   576 H HH21 . ARG A 1 35 ? 16.937  6.633   -0.943  1.00 0.00 ? 35 ARG A HH21 1 
ATOM   577 H HH22 . ARG A 1 35 ? 18.153  7.896   -1.483  1.00 0.00 ? 35 ARG A HH22 1 
ATOM   578 N N    . LYS A 1 36 ? 20.466  -1.809  -1.078  1.00 0.00 ? 36 LYS A N    1 
ATOM   579 C CA   . LYS A 1 36 ? 21.461  -2.902  -1.019  1.00 0.00 ? 36 LYS A CA   1 
ATOM   580 C C    . LYS A 1 36 ? 20.863  -4.272  -1.474  1.00 0.00 ? 36 LYS A C    1 
ATOM   581 O O    . LYS A 1 36 ? 21.229  -4.751  -2.553  1.00 0.00 ? 36 LYS A O    1 
ATOM   582 C CB   . LYS A 1 36 ? 22.096  -2.911  0.410   1.00 0.00 ? 36 LYS A CB   1 
ATOM   583 C CG   . LYS A 1 36 ? 22.486  -1.602  1.190   1.00 0.00 ? 36 LYS A CG   1 
ATOM   584 C CD   . LYS A 1 36 ? 21.675  -1.342  2.479   1.00 0.00 ? 36 LYS A CD   1 
ATOM   585 C CE   . LYS A 1 36 ? 20.210  -0.941  2.232   1.00 0.00 ? 36 LYS A CE   1 
ATOM   586 N NZ   . LYS A 1 36 ? 19.502  -0.675  3.495   1.00 0.00 ? 36 LYS A NZ   1 
ATOM   587 H H    . LYS A 1 36 ? 20.160  -1.360  -0.209  1.00 0.00 ? 36 LYS A H    1 
ATOM   588 H HA   . LYS A 1 36 ? 22.265  -2.725  -1.760  1.00 0.00 ? 36 LYS A HA   1 
ATOM   589 H HB2  . LYS A 1 36 ? 21.450  -3.510  1.078   1.00 0.00 ? 36 LYS A HB2  1 
ATOM   590 H HB3  . LYS A 1 36 ? 23.003  -3.540  0.338   1.00 0.00 ? 36 LYS A HB3  1 
ATOM   591 H HG2  . LYS A 1 36 ? 23.521  -1.757  1.455   1.00 0.00 ? 36 LYS A HG2  1 
ATOM   592 H HG3  . LYS A 1 36 ? 22.548  -0.626  0.656   1.00 0.00 ? 36 LYS A HG3  1 
ATOM   593 H HD2  . LYS A 1 36 ? 21.718  -2.234  3.128   1.00 0.00 ? 36 LYS A HD2  1 
ATOM   594 H HD3  . LYS A 1 36 ? 22.183  -0.543  3.051   1.00 0.00 ? 36 LYS A HD3  1 
ATOM   595 H HE2  . LYS A 1 36 ? 20.160  -0.041  1.591   1.00 0.00 ? 36 LYS A HE2  1 
ATOM   596 H HE3  . LYS A 1 36 ? 19.677  -1.740  1.685   1.00 0.00 ? 36 LYS A HE3  1 
ATOM   597 H HZ1  . LYS A 1 36 ? 19.986  0.060   4.022   1.00 0.00 ? 36 LYS A HZ1  1 
ATOM   598 H HZ2  . LYS A 1 36 ? 19.528  -1.507  4.094   1.00 0.00 ? 36 LYS A HZ2  1 
ATOM   599 N N    . GLY A 1 37 ? 19.956  -4.881  -0.688  1.00 0.00 ? 37 GLY A N    1 
ATOM   600 C CA   . GLY A 1 37 ? 19.336  -6.182  -1.040  1.00 0.00 ? 37 GLY A CA   1 
ATOM   601 C C    . GLY A 1 37 ? 19.027  -7.037  0.202   1.00 0.00 ? 37 GLY A C    1 
ATOM   602 O O    . GLY A 1 37 ? 17.885  -7.071  0.663   1.00 0.00 ? 37 GLY A O    1 
ATOM   603 H H    . GLY A 1 37 ? 19.782  -4.383  0.192   1.00 0.00 ? 37 GLY A H    1 
ATOM   604 H HA2  . GLY A 1 37 ? 18.394  -5.994  -1.595  1.00 0.00 ? 37 GLY A HA2  1 
ATOM   605 H HA3  . GLY A 1 37 ? 19.976  -6.765  -1.736  1.00 0.00 ? 37 GLY A HA3  1 
ATOM   606 N N    . LEU A 1 38 ? 20.052  -7.744  0.708   1.00 0.00 ? 38 LEU A N    1 
ATOM   607 C CA   . LEU A 1 38 ? 19.968  -8.614  1.895   1.00 0.00 ? 38 LEU A CA   1 
ATOM   608 C C    . LEU A 1 38 ? 20.999  -7.945  2.863   1.00 0.00 ? 38 LEU A C    1 
ATOM   609 O O    . LEU A 1 38 ? 22.197  -8.245  2.784   1.00 0.00 ? 38 LEU A O    1 
ATOM   610 C CB   . LEU A 1 38 ? 20.308  -10.042 1.331   1.00 0.00 ? 38 LEU A CB   1 
ATOM   611 C CG   . LEU A 1 38 ? 20.483  -11.244 2.290   1.00 0.00 ? 38 LEU A CG   1 
ATOM   612 C CD1  . LEU A 1 38 ? 21.854  -11.209 2.980   1.00 0.00 ? 38 LEU A CD1  1 
ATOM   613 C CD2  . LEU A 1 38 ? 19.338  -11.421 3.302   1.00 0.00 ? 38 LEU A CD2  1 
ATOM   614 H H    . LEU A 1 38 ? 20.984  -7.651  0.297   1.00 0.00 ? 38 LEU A H    1 
ATOM   615 H HA   . LEU A 1 38 ? 18.943  -8.650  2.339   1.00 0.00 ? 38 LEU A HA   1 
ATOM   616 H HB2  . LEU A 1 38 ? 19.521  -10.334 0.606   1.00 0.00 ? 38 LEU A HB2  1 
ATOM   617 H HB3  . LEU A 1 38 ? 21.218  -10.008 0.688   1.00 0.00 ? 38 LEU A HB3  1 
ATOM   618 H HG   . LEU A 1 38 ? 20.485  -12.149 1.652   1.00 0.00 ? 38 LEU A HG   1 
ATOM   619 H HD11 . LEU A 1 38 ? 21.885  -10.456 3.788   1.00 0.00 ? 38 LEU A HD11 1 
ATOM   620 H HD12 . LEU A 1 38 ? 22.110  -12.183 3.420   1.00 0.00 ? 38 LEU A HD12 1 
ATOM   621 H HD13 . LEU A 1 38 ? 22.657  -10.947 2.262   1.00 0.00 ? 38 LEU A HD13 1 
ATOM   622 H HD21 . LEU A 1 38 ? 19.448  -12.355 3.887   1.00 0.00 ? 38 LEU A HD21 1 
ATOM   623 H HD22 . LEU A 1 38 ? 18.353  -11.469 2.802   1.00 0.00 ? 38 LEU A HD22 1 
ATOM   624 H HD23 . LEU A 1 38 ? 19.303  -10.587 4.025   1.00 0.00 ? 38 LEU A HD23 1 
ATOM   625 N N    . ARG A 1 39 ? 20.573  -6.994  3.734   1.00 0.00 ? 39 ARG A N    1 
ATOM   626 C CA   . ARG A 1 39 ? 21.492  -6.316  4.674   1.00 0.00 ? 39 ARG A CA   1 
ATOM   627 C C    . ARG A 1 39 ? 20.796  -6.213  6.064   1.00 0.00 ? 39 ARG A C    1 
ATOM   628 O O    . ARG A 1 39 ? 20.312  -7.203  6.624   1.00 0.00 ? 39 ARG A O    1 
ATOM   629 C CB   . ARG A 1 39 ? 21.974  -5.010  3.945   1.00 0.00 ? 39 ARG A CB   1 
ATOM   630 C CG   . ARG A 1 39 ? 23.358  -4.479  4.385   1.00 0.00 ? 39 ARG A CG   1 
ATOM   631 C CD   . ARG A 1 39 ? 24.593  -5.173  3.761   1.00 0.00 ? 39 ARG A CD   1 
ATOM   632 N NE   . ARG A 1 39 ? 24.734  -4.902  2.309   1.00 0.00 ? 39 ARG A NE   1 
ATOM   633 C CZ   . ARG A 1 39 ? 25.693  -5.423  1.520   1.00 0.00 ? 39 ARG A CZ   1 
ATOM   634 N NH1  . ARG A 1 39 ? 26.643  -6.251  1.954   1.00 0.00 ? 39 ARG A NH1  1 
ATOM   635 N NH2  . ARG A 1 39 ? 25.692  -5.094  0.242   1.00 0.00 ? 39 ARG A NH2  1 
ATOM   636 H H    . ARG A 1 39 ? 19.810  -6.391  3.412   1.00 0.00 ? 39 ARG A H    1 
ATOM   637 H HA   . ARG A 1 39 ? 22.381  -6.926  4.894   1.00 0.00 ? 39 ARG A HA   1 
ATOM   638 H HB2  . ARG A 1 39 ? 21.994  -5.125  2.841   1.00 0.00 ? 39 ARG A HB2  1 
ATOM   639 H HB3  . ARG A 1 39 ? 21.219  -4.218  4.104   1.00 0.00 ? 39 ARG A HB3  1 
ATOM   640 H HG2  . ARG A 1 39 ? 23.402  -3.398  4.157   1.00 0.00 ? 39 ARG A HG2  1 
ATOM   641 H HG3  . ARG A 1 39 ? 23.425  -4.538  5.486   1.00 0.00 ? 39 ARG A HG3  1 
ATOM   642 H HD2  . ARG A 1 39 ? 25.501  -4.820  4.284   1.00 0.00 ? 39 ARG A HD2  1 
ATOM   643 H HD3  . ARG A 1 39 ? 24.543  -6.264  3.945   1.00 0.00 ? 39 ARG A HD3  1 
ATOM   644 H HH11 . ARG A 1 39 ? 26.624  -6.491  2.950   1.00 0.00 ? 39 ARG A HH11 1 
ATOM   645 H HH12 . ARG A 1 39 ? 27.318  -6.581  1.254   1.00 0.00 ? 39 ARG A HH12 1 
ATOM   646 H HH21 . ARG A 1 39 ? 24.950  -4.455  -0.067  1.00 0.00 ? 39 ARG A HH21 1 
ATOM   647 H HH22 . ARG A 1 39 ? 26.431  -5.504  -0.339  1.00 0.00 ? 39 ARG A HH22 1 
ATOM   648 N N    . ARG A 1 40 ? 20.793  -4.998  6.605   1.00 0.00 ? 40 ARG A N    1 
ATOM   649 C CA   . ARG A 1 40 ? 20.197  -4.651  7.922   1.00 0.00 ? 40 ARG A CA   1 
ATOM   650 C C    . ARG A 1 40 ? 18.697  -4.260  7.844   1.00 0.00 ? 40 ARG A C    1 
ATOM   651 O O    . ARG A 1 40 ? 17.861  -4.956  8.424   1.00 0.00 ? 40 ARG A O    1 
ATOM   652 C CB   . ARG A 1 40 ? 21.096  -3.571  8.575   1.00 0.00 ? 40 ARG A CB   1 
ATOM   653 C CG   . ARG A 1 40 ? 20.837  -3.353  10.084  1.00 0.00 ? 40 ARG A CG   1 
ATOM   654 C CD   . ARG A 1 40 ? 21.757  -2.316  10.775  1.00 0.00 ? 40 ARG A CD   1 
ATOM   655 N NE   . ARG A 1 40 ? 23.187  -2.719  10.844  1.00 0.00 ? 40 ARG A NE   1 
ATOM   656 C CZ   . ARG A 1 40 ? 23.742  -3.455  11.828  1.00 0.00 ? 40 ARG A CZ   1 
ATOM   657 N NH1  . ARG A 1 40 ? 23.069  -3.922  12.879  1.00 0.00 ? 40 ARG A NH1  1 
ATOM   658 N NH2  . ARG A 1 40 ? 25.030  -3.732  11.744  1.00 0.00 ? 40 ARG A NH2  1 
ATOM   659 H H    . ARG A 1 40 ? 21.297  -4.369  5.975   1.00 0.00 ? 40 ARG A H    1 
ATOM   660 H HA   . ARG A 1 40 ? 20.265  -5.535  8.578   1.00 0.00 ? 40 ARG A HA   1 
ATOM   661 H HB2  . ARG A 1 40 ? 22.155  -3.868  8.446   1.00 0.00 ? 40 ARG A HB2  1 
ATOM   662 H HB3  . ARG A 1 40 ? 20.996  -2.611  8.032   1.00 0.00 ? 40 ARG A HB3  1 
ATOM   663 H HG2  . ARG A 1 40 ? 19.789  -3.028  10.219  1.00 0.00 ? 40 ARG A HG2  1 
ATOM   664 H HG3  . ARG A 1 40 ? 20.906  -4.321  10.616  1.00 0.00 ? 40 ARG A HG3  1 
ATOM   665 H HD2  . ARG A 1 40 ? 21.692  -1.353  10.233  1.00 0.00 ? 40 ARG A HD2  1 
ATOM   666 H HD3  . ARG A 1 40 ? 21.367  -2.091  11.786  1.00 0.00 ? 40 ARG A HD3  1 
ATOM   667 H HH11 . ARG A 1 40 ? 22.070  -3.694  12.923  1.00 0.00 ? 40 ARG A HH11 1 
ATOM   668 H HH12 . ARG A 1 40 ? 23.606  -4.471  13.561  1.00 0.00 ? 40 ARG A HH12 1 
ATOM   669 H HH21 . ARG A 1 40 ? 25.526  -3.363  10.925  1.00 0.00 ? 40 ARG A HH21 1 
ATOM   670 H HH22 . ARG A 1 40 ? 25.430  -4.294  12.503  1.00 0.00 ? 40 ARG A HH22 1 
ATOM   671 N N    . ASP A 1 41 ? 18.374  -3.161  7.137   1.00 0.00 ? 41 ASP A N    1 
ATOM   672 C CA   . ASP A 1 41 ? 16.973  -2.660  6.977   1.00 0.00 ? 41 ASP A CA   1 
ATOM   673 C C    . ASP A 1 41 ? 16.011  -3.640  6.238   1.00 0.00 ? 41 ASP A C    1 
ATOM   674 O O    . ASP A 1 41 ? 14.920  -3.894  6.757   1.00 0.00 ? 41 ASP A O    1 
ATOM   675 C CB   . ASP A 1 41 ? 16.945  -1.252  6.319   1.00 0.00 ? 41 ASP A CB   1 
ATOM   676 C CG   . ASP A 1 41 ? 17.567  -0.124  7.160   1.00 0.00 ? 41 ASP A CG   1 
ATOM   677 O OD1  . ASP A 1 41 ? 16.965  0.458   8.062   1.00 0.00 ? 41 ASP A OD1  1 
ATOM   678 O OD2  . ASP A 1 41 ? 18.861  0.147   6.793   1.00 0.00 ? 41 ASP A OD2  1 
ATOM   679 H H    . ASP A 1 41 ? 19.185  -2.692  6.722   1.00 0.00 ? 41 ASP A H    1 
ATOM   680 H HA   . ASP A 1 41 ? 16.562  -2.535  7.998   1.00 0.00 ? 41 ASP A HA   1 
ATOM   681 H HB2  . ASP A 1 41 ? 17.417  -1.284  5.320   1.00 0.00 ? 41 ASP A HB2  1 
ATOM   682 H HB3  . ASP A 1 41 ? 15.896  -0.959  6.120   1.00 0.00 ? 41 ASP A HB3  1 
ATOM   683 H HD2  . ASP A 1 41 ? 19.246  0.846   7.325   1.00 0.00 ? 41 ASP A HD2  1 
ATOM   684 N N    . LEU A 1 42 ? 16.399  -4.193  5.065   1.00 0.00 ? 42 LEU A N    1 
ATOM   685 C CA   . LEU A 1 42 ? 15.570  -5.177  4.313   1.00 0.00 ? 42 LEU A CA   1 
ATOM   686 C C    . LEU A 1 42 ? 15.333  -6.505  5.094   1.00 0.00 ? 42 LEU A C    1 
ATOM   687 O O    . LEU A 1 42 ? 14.178  -6.912  5.251   1.00 0.00 ? 42 LEU A O    1 
ATOM   688 C CB   . LEU A 1 42 ? 16.130  -5.451  2.883   1.00 0.00 ? 42 LEU A CB   1 
ATOM   689 C CG   . LEU A 1 42 ? 15.978  -4.370  1.772   1.00 0.00 ? 42 LEU A CG   1 
ATOM   690 C CD1  . LEU A 1 42 ? 14.516  -3.930  1.548   1.00 0.00 ? 42 LEU A CD1  1 
ATOM   691 C CD2  . LEU A 1 42 ? 16.923  -3.166  1.944   1.00 0.00 ? 42 LEU A CD2  1 
ATOM   692 H H    . LEU A 1 42 ? 17.278  -3.842  4.682   1.00 0.00 ? 42 LEU A H    1 
ATOM   693 H HA   . LEU A 1 42 ? 14.583  -4.711  4.192   1.00 0.00 ? 42 LEU A HA   1 
ATOM   694 H HB2  . LEU A 1 42 ? 17.194  -5.752  2.956   1.00 0.00 ? 42 LEU A HB2  1 
ATOM   695 H HB3  . LEU A 1 42 ? 15.633  -6.358  2.488   1.00 0.00 ? 42 LEU A HB3  1 
ATOM   696 H HG   . LEU A 1 42 ? 16.295  -4.862  0.833   1.00 0.00 ? 42 LEU A HG   1 
ATOM   697 H HD11 . LEU A 1 42 ? 14.403  -3.326  0.632   1.00 0.00 ? 42 LEU A HD11 1 
ATOM   698 H HD12 . LEU A 1 42 ? 14.129  -3.320  2.385   1.00 0.00 ? 42 LEU A HD12 1 
ATOM   699 H HD13 . LEU A 1 42 ? 13.841  -4.799  1.435   1.00 0.00 ? 42 LEU A HD13 1 
ATOM   700 H HD21 . LEU A 1 42 ? 16.919  -2.514  1.052   1.00 0.00 ? 42 LEU A HD21 1 
ATOM   701 H HD22 . LEU A 1 42 ? 16.648  -2.534  2.808   1.00 0.00 ? 42 LEU A HD22 1 
ATOM   702 H HD23 . LEU A 1 42 ? 17.970  -3.490  2.091   1.00 0.00 ? 42 LEU A HD23 1 
ATOM   703 N N    . ASP A 1 43 ? 16.410  -7.152  5.582   1.00 0.00 ? 43 ASP A N    1 
ATOM   704 C CA   . ASP A 1 43 ? 16.316  -8.399  6.385   1.00 0.00 ? 43 ASP A CA   1 
ATOM   705 C C    . ASP A 1 43 ? 16.439  -8.041  7.909   1.00 0.00 ? 43 ASP A C    1 
ATOM   706 O O    . ASP A 1 43 ? 17.403  -8.447  8.568   1.00 0.00 ? 43 ASP A O    1 
ATOM   707 C CB   . ASP A 1 43 ? 17.394  -9.378  5.840   1.00 0.00 ? 43 ASP A CB   1 
ATOM   708 C CG   . ASP A 1 43 ? 17.289  -10.813 6.378   1.00 0.00 ? 43 ASP A CG   1 
ATOM   709 O OD1  . ASP A 1 43 ? 16.401  -11.597 6.045   1.00 0.00 ? 43 ASP A OD1  1 
ATOM   710 O OD2  . ASP A 1 43 ? 18.293  -11.113 7.263   1.00 0.00 ? 43 ASP A OD2  1 
ATOM   711 H H    . ASP A 1 43 ? 17.295  -6.670  5.397   1.00 0.00 ? 43 ASP A H    1 
ATOM   712 H HA   . ASP A 1 43 ? 15.348  -8.912  6.197   1.00 0.00 ? 43 ASP A HA   1 
ATOM   713 H HB2  . ASP A 1 43 ? 17.311  -9.449  4.737   1.00 0.00 ? 43 ASP A HB2  1 
ATOM   714 H HB3  . ASP A 1 43 ? 18.411  -8.978  6.021   1.00 0.00 ? 43 ASP A HB3  1 
ATOM   715 H HD2  . ASP A 1 43 ? 18.226  -12.012 7.592   1.00 0.00 ? 43 ASP A HD2  1 
ATOM   716 N N    . ALA A 1 44 ? 15.459  -7.293  8.479   1.00 0.00 ? 44 ALA A N    1 
ATOM   717 C CA   . ALA A 1 44 ? 15.458  -6.908  9.916   1.00 0.00 ? 44 ALA A CA   1 
ATOM   718 C C    . ALA A 1 44 ? 14.723  -7.960  10.791  1.00 0.00 ? 44 ALA A C    1 
ATOM   719 O O    . ALA A 1 44 ? 15.380  -8.708  11.521  1.00 0.00 ? 44 ALA A O    1 
ATOM   720 C CB   . ALA A 1 44 ? 14.917  -5.465  10.052  1.00 0.00 ? 44 ALA A CB   1 
ATOM   721 H H    . ALA A 1 44 ? 14.788  -6.850  7.840   1.00 0.00 ? 44 ALA A H    1 
ATOM   722 H HA   . ALA A 1 44 ? 16.495  -6.859  10.285  1.00 0.00 ? 44 ALA A HA   1 
ATOM   723 H HB1  . ALA A 1 44 ? 13.875  -5.371  9.693   1.00 0.00 ? 44 ALA A HB1  1 
ATOM   724 H HB2  . ALA A 1 44 ? 15.522  -4.737  9.482   1.00 0.00 ? 44 ALA A HB2  1 
ATOM   725 H HB3  . ALA A 1 44 ? 14.929  -5.130  11.106  1.00 0.00 ? 44 ALA A HB3  1 
ATOM   726 N N    . SER A 1 45 ? 13.382  -8.016  10.706  1.00 0.00 ? 45 SER A N    1 
ATOM   727 C CA   . SER A 1 45 ? 12.543  -8.965  11.469  1.00 0.00 ? 45 SER A CA   1 
ATOM   728 C C    . SER A 1 45 ? 11.648  -9.692  10.422  1.00 0.00 ? 45 SER A C    1 
ATOM   729 O O    . SER A 1 45 ? 12.127  -10.361 9.500   1.00 0.00 ? 45 SER A O    1 
ATOM   730 C CB   . SER A 1 45 ? 11.898  -8.198  12.668  1.00 0.00 ? 45 SER A CB   1 
ATOM   731 O OG   . SER A 1 45 ? 12.879  -7.731  13.591  1.00 0.00 ? 45 SER A OG   1 
ATOM   732 H H    . SER A 1 45 ? 12.961  -7.321  10.086  1.00 0.00 ? 45 SER A H    1 
ATOM   733 H HA   . SER A 1 45 ? 13.105  -9.783  11.924  1.00 0.00 ? 45 SER A HA   1 
ATOM   734 H HB2  . SER A 1 45 ? 11.289  -7.343  12.317  1.00 0.00 ? 45 SER A HB2  1 
ATOM   735 H HB3  . SER A 1 45 ? 11.201  -8.862  13.212  1.00 0.00 ? 45 SER A HB3  1 
ATOM   736 H HG   . SER A 1 45 ? 13.431  -7.118  13.101  1.00 0.00 ? 45 SER A HG   1 
ATOM   737 N N    . ARG A 1 46 ? 10.347  -9.551  10.622  1.00 0.00 ? 46 ARG A N    1 
ATOM   738 C CA   . ARG A 1 46 ? 9.268   -10.100 9.782   1.00 0.00 ? 46 ARG A CA   1 
ATOM   739 C C    . ARG A 1 46 ? 8.366   -8.863  9.479   1.00 0.00 ? 46 ARG A C    1 
ATOM   740 O O    . ARG A 1 46 ? 7.316   -8.722  10.109  1.00 0.00 ? 46 ARG A O    1 
ATOM   741 C CB   . ARG A 1 46 ? 8.562   -11.190 10.644  1.00 0.00 ? 46 ARG A CB   1 
ATOM   742 C CG   . ARG A 1 46 ? 9.212   -12.592 10.636  1.00 0.00 ? 46 ARG A CG   1 
ATOM   743 C CD   . ARG A 1 46 ? 9.054   -13.376 9.313   1.00 0.00 ? 46 ARG A CD   1 
ATOM   744 N NE   . ARG A 1 46 ? 9.704   -14.709 9.363   1.00 0.00 ? 46 ARG A NE   1 
ATOM   745 C CZ   . ARG A 1 46 ? 10.997  -14.954 9.064   1.00 0.00 ? 46 ARG A CZ   1 
ATOM   746 N NH1  . ARG A 1 46 ? 11.867  -14.016 8.694   1.00 0.00 ? 46 ARG A NH1  1 
ATOM   747 N NH2  . ARG A 1 46 ? 11.426  -16.200 9.145   1.00 0.00 ? 46 ARG A NH2  1 
ATOM   748 H H    . ARG A 1 46 ? 10.185  -9.088  11.511  1.00 0.00 ? 46 ARG A H    1 
ATOM   749 H HA   . ARG A 1 46 ? 9.650   -10.563 8.855   1.00 0.00 ? 46 ARG A HA   1 
ATOM   750 H HB2  . ARG A 1 46 ? 8.479   -10.852 11.696  1.00 0.00 ? 46 ARG A HB2  1 
ATOM   751 H HB3  . ARG A 1 46 ? 7.509   -11.271 10.348  1.00 0.00 ? 46 ARG A HB3  1 
ATOM   752 H HG2  . ARG A 1 46 ? 10.282  -12.495 10.901  1.00 0.00 ? 46 ARG A HG2  1 
ATOM   753 H HG3  . ARG A 1 46 ? 8.762   -13.179 11.458  1.00 0.00 ? 46 ARG A HG3  1 
ATOM   754 H HD2  . ARG A 1 46 ? 7.981   -13.526 9.098   1.00 0.00 ? 46 ARG A HD2  1 
ATOM   755 H HD3  . ARG A 1 46 ? 9.435   -12.790 8.456   1.00 0.00 ? 46 ARG A HD3  1 
ATOM   756 H HH11 . ARG A 1 46 ? 11.511  -13.054 8.639   1.00 0.00 ? 46 ARG A HH11 1 
ATOM   757 H HH12 . ARG A 1 46 ? 12.823  -14.329 8.493   1.00 0.00 ? 46 ARG A HH12 1 
ATOM   758 H HH21 . ARG A 1 46 ? 10.739  -16.906 9.432   1.00 0.00 ? 46 ARG A HH21 1 
ATOM   759 H HH22 . ARG A 1 46 ? 12.413  -16.361 8.913   1.00 0.00 ? 46 ARG A HH22 1 
ATOM   760 N N    . GLU A 1 47 ? 8.742   -7.958  8.532   1.00 0.00 ? 47 GLU A N    1 
ATOM   761 C CA   . GLU A 1 47 ? 7.941   -6.734  8.189   1.00 0.00 ? 47 GLU A CA   1 
ATOM   762 C C    . GLU A 1 47 ? 7.841   -5.761  9.428   1.00 0.00 ? 47 GLU A C    1 
ATOM   763 O O    . GLU A 1 47 ? 6.745   -5.285  9.736   1.00 0.00 ? 47 GLU A O    1 
ATOM   764 C CB   . GLU A 1 47 ? 6.560   -7.073  7.522   1.00 0.00 ? 47 GLU A CB   1 
ATOM   765 C CG   . GLU A 1 47 ? 6.616   -7.699  6.111   1.00 0.00 ? 47 GLU A CG   1 
ATOM   766 C CD   . GLU A 1 47 ? 7.024   -6.724  4.999   1.00 0.00 ? 47 GLU A CD   1 
ATOM   767 O OE1  . GLU A 1 47 ? 6.228   -5.975  4.435   1.00 0.00 ? 47 GLU A OE1  1 
ATOM   768 O OE2  . GLU A 1 47 ? 8.363   -6.788  4.713   1.00 0.00 ? 47 GLU A OE2  1 
ATOM   769 H H    . GLU A 1 47 ? 9.677   -8.068  8.126   1.00 0.00 ? 47 GLU A H    1 
ATOM   770 H HA   . GLU A 1 47 ? 8.515   -6.200  7.416   1.00 0.00 ? 47 GLU A HA   1 
ATOM   771 H HB2  . GLU A 1 47 ? 5.974   -7.750  8.174   1.00 0.00 ? 47 GLU A HB2  1 
ATOM   772 H HB3  . GLU A 1 47 ? 5.921   -6.169  7.466   1.00 0.00 ? 47 GLU A HB3  1 
ATOM   773 H HG2  . GLU A 1 47 ? 7.275   -8.587  6.105   1.00 0.00 ? 47 GLU A HG2  1 
ATOM   774 H HG3  . GLU A 1 47 ? 5.613   -8.090  5.861   1.00 0.00 ? 47 GLU A HG3  1 
ATOM   775 H HE2  . GLU A 1 47 ? 8.612   -6.177  4.016   1.00 0.00 ? 47 GLU A HE2  1 
ATOM   776 N N    . ALA A 1 48 ? 8.973   -5.426  10.126  1.00 0.00 ? 48 ALA A N    1 
ATOM   777 C CA   . ALA A 1 48 ? 8.970   -4.514  11.341  1.00 0.00 ? 48 ALA A CA   1 
ATOM   778 C C    . ALA A 1 48 ? 8.072   -5.124  12.478  1.00 0.00 ? 48 ALA A C    1 
ATOM   779 O O    . ALA A 1 48 ? 7.212   -4.433  13.033  1.00 0.00 ? 48 ALA A O    1 
ATOM   780 C CB   . ALA A 1 48 ? 8.609   -3.061  10.945  1.00 0.00 ? 48 ALA A CB   1 
ATOM   781 H H    . ALA A 1 48 ? 9.810   -5.923  9.785   1.00 0.00 ? 48 ALA A H    1 
ATOM   782 H HA   . ALA A 1 48 ? 9.983   -4.402  11.801  1.00 0.00 ? 48 ALA A HA   1 
ATOM   783 H HB1  . ALA A 1 48 ? 8.684   -2.378  11.811  1.00 0.00 ? 48 ALA A HB1  1 
ATOM   784 H HB2  . ALA A 1 48 ? 7.580   -2.970  10.552  1.00 0.00 ? 48 ALA A HB2  1 
ATOM   785 H HB3  . ALA A 1 48 ? 9.293   -2.668  10.170  1.00 0.00 ? 48 ALA A HB3  1 
ATOM   786 N N    . LYS A 1 49 ? 8.284   -6.426  12.825  1.00 0.00 ? 49 LYS A N    1 
ATOM   787 C CA   . LYS A 1 49 ? 7.506   -7.159  13.874  1.00 0.00 ? 49 LYS A CA   1 
ATOM   788 C C    . LYS A 1 49 ? 5.968   -7.232  13.520  1.00 0.00 ? 49 LYS A C    1 
ATOM   789 O O    . LYS A 1 49 ? 5.121   -6.924  14.364  1.00 0.00 ? 49 LYS A O    1 
ATOM   790 C CB   . LYS A 1 49 ? 7.822   -6.659  15.311  1.00 0.00 ? 49 LYS A CB   1 
ATOM   791 C CG   . LYS A 1 49 ? 9.294   -6.859  15.750  1.00 0.00 ? 49 LYS A CG   1 
ATOM   792 C CD   . LYS A 1 49 ? 9.555   -6.800  17.269  1.00 0.00 ? 49 LYS A CD   1 
ATOM   793 C CE   . LYS A 1 49 ? 9.027   -8.012  18.070  1.00 0.00 ? 49 LYS A CE   1 
ATOM   794 N NZ   . LYS A 1 49 ? 7.671   -7.810  18.614  1.00 0.00 ? 49 LYS A NZ   1 
ATOM   795 H H    . LYS A 1 49 ? 8.989   -6.929  12.274  1.00 0.00 ? 49 LYS A H    1 
ATOM   796 H HA   . LYS A 1 49 ? 7.878   -8.204  13.885  1.00 0.00 ? 49 LYS A HA   1 
ATOM   797 H HB2  . LYS A 1 49 ? 7.535   -5.599  15.428  1.00 0.00 ? 49 LYS A HB2  1 
ATOM   798 H HB3  . LYS A 1 49 ? 7.166   -7.219  15.999  1.00 0.00 ? 49 LYS A HB3  1 
ATOM   799 H HG2  . LYS A 1 49 ? 9.677   -7.824  15.368  1.00 0.00 ? 49 LYS A HG2  1 
ATOM   800 H HG3  . LYS A 1 49 ? 9.917   -6.093  15.250  1.00 0.00 ? 49 LYS A HG3  1 
ATOM   801 H HD2  . LYS A 1 49 ? 10.653  -6.768  17.403  1.00 0.00 ? 49 LYS A HD2  1 
ATOM   802 H HD3  . LYS A 1 49 ? 9.200   -5.840  17.693  1.00 0.00 ? 49 LYS A HD3  1 
ATOM   803 H HE2  . LYS A 1 49 ? 9.042   -8.928  17.447  1.00 0.00 ? 49 LYS A HE2  1 
ATOM   804 H HE3  . LYS A 1 49 ? 9.710   -8.216  18.912  1.00 0.00 ? 49 LYS A HE3  1 
ATOM   805 H HZ1  . LYS A 1 49 ? 7.011   -7.618  17.852  1.00 0.00 ? 49 LYS A HZ1  1 
ATOM   806 H HZ2  . LYS A 1 49 ? 7.652   -6.977  19.212  1.00 0.00 ? 49 LYS A HZ2  1 
ATOM   807 N N    . LYS A 1 50 ? 5.623   -7.644  12.272  1.00 0.00 ? 50 LYS A N    1 
ATOM   808 C CA   . LYS A 1 50 ? 4.211   -7.757  11.791  1.00 0.00 ? 50 LYS A CA   1 
ATOM   809 C C    . LYS A 1 50 ? 3.853   -9.215  11.409  1.00 0.00 ? 50 LYS A C    1 
ATOM   810 O O    . LYS A 1 50 ? 3.027   -9.812  12.107  1.00 0.00 ? 50 LYS A O    1 
ATOM   811 C CB   . LYS A 1 50 ? 3.916   -6.736  10.641  1.00 0.00 ? 50 LYS A CB   1 
ATOM   812 C CG   . LYS A 1 50 ? 3.805   -5.259  11.082  1.00 0.00 ? 50 LYS A CG   1 
ATOM   813 C CD   . LYS A 1 50 ? 2.519   -4.921  11.865  1.00 0.00 ? 50 LYS A CD   1 
ATOM   814 C CE   . LYS A 1 50 ? 2.503   -3.464  12.357  1.00 0.00 ? 50 LYS A CE   1 
ATOM   815 N NZ   . LYS A 1 50 ? 1.248   -3.140  13.058  1.00 0.00 ? 50 LYS A NZ   1 
ATOM   816 H H    . LYS A 1 50 ? 6.420   -7.782  11.635  1.00 0.00 ? 50 LYS A H    1 
ATOM   817 H HA   . LYS A 1 50 ? 3.537   -7.520  12.634  1.00 0.00 ? 50 LYS A HA   1 
ATOM   818 H HB2  . LYS A 1 50 ? 4.718   -6.818  9.886   1.00 0.00 ? 50 LYS A HB2  1 
ATOM   819 H HB3  . LYS A 1 50 ? 3.002   -7.000  10.062  1.00 0.00 ? 50 LYS A HB3  1 
ATOM   820 H HG2  . LYS A 1 50 ? 4.697   -4.982  11.676  1.00 0.00 ? 50 LYS A HG2  1 
ATOM   821 H HG3  . LYS A 1 50 ? 3.851   -4.621  10.180  1.00 0.00 ? 50 LYS A HG3  1 
ATOM   822 H HD2  . LYS A 1 50 ? 1.638   -5.116  11.222  1.00 0.00 ? 50 LYS A HD2  1 
ATOM   823 H HD3  . LYS A 1 50 ? 2.414   -5.596  12.735  1.00 0.00 ? 50 LYS A HD3  1 
ATOM   824 H HE2  . LYS A 1 50 ? 3.355   -3.288  13.040  1.00 0.00 ? 50 LYS A HE2  1 
ATOM   825 H HE3  . LYS A 1 50 ? 2.633   -2.772  11.506  1.00 0.00 ? 50 LYS A HE3  1 
ATOM   826 H HZ1  . LYS A 1 50 ? 1.148   -3.730  13.891  1.00 0.00 ? 50 LYS A HZ1  1 
ATOM   827 H HZ2  . LYS A 1 50 ? 1.278   -2.174  13.403  1.00 0.00 ? 50 LYS A HZ2  1 
ATOM   828 N N    . GLN A 1 51 ? 4.442   -9.793  10.335  1.00 0.00 ? 51 GLN A N    1 
ATOM   829 C CA   . GLN A 1 51 ? 4.177   -11.216 9.938   1.00 0.00 ? 51 GLN A CA   1 
ATOM   830 C C    . GLN A 1 51 ? 5.006   -12.277 10.752  1.00 0.00 ? 51 GLN A C    1 
ATOM   831 O O    . GLN A 1 51 ? 5.636   -13.177 10.188  1.00 0.00 ? 51 GLN A O    1 
ATOM   832 C CB   . GLN A 1 51 ? 4.294   -11.363 8.390   1.00 0.00 ? 51 GLN A CB   1 
ATOM   833 C CG   . GLN A 1 51 ? 5.683   -11.145 7.735   1.00 0.00 ? 51 GLN A CG   1 
ATOM   834 C CD   . GLN A 1 51 ? 5.679   -11.381 6.215   1.00 0.00 ? 51 GLN A CD   1 
ATOM   835 O OE1  . GLN A 1 51 ? 5.008   -10.681 5.457   1.00 0.00 ? 51 GLN A OE1  1 
ATOM   836 N NE2  . GLN A 1 51 ? 6.428   -12.362 5.733   1.00 0.00 ? 51 GLN A NE2  1 
ATOM   837 H H    . GLN A 1 51 ? 5.003   -9.140  9.771   1.00 0.00 ? 51 GLN A H    1 
ATOM   838 H HA   . GLN A 1 51 ? 3.113   -11.440 10.155  1.00 0.00 ? 51 GLN A HA   1 
ATOM   839 H HB2  . GLN A 1 51 ? 3.935   -12.375 8.118   1.00 0.00 ? 51 GLN A HB2  1 
ATOM   840 H HB3  . GLN A 1 51 ? 3.563   -10.681 7.913   1.00 0.00 ? 51 GLN A HB3  1 
ATOM   841 H HG2  . GLN A 1 51 ? 6.027   -10.114 7.923   1.00 0.00 ? 51 GLN A HG2  1 
ATOM   842 H HG3  . GLN A 1 51 ? 6.440   -11.787 8.224   1.00 0.00 ? 51 GLN A HG3  1 
ATOM   843 H HE21 . GLN A 1 51 ? 6.970   -12.904 6.414   1.00 0.00 ? 51 GLN A HE21 1 
ATOM   844 H HE22 . GLN A 1 51 ? 6.405   -12.499 4.716   1.00 0.00 ? 51 GLN A HE22 1 
ATOM   845 N N    . VAL A 1 52 ? 4.935   -12.200 12.095  1.00 0.00 ? 52 VAL A N    1 
ATOM   846 C CA   . VAL A 1 52 ? 5.645   -13.099 13.047  1.00 0.00 ? 52 VAL A CA   1 
ATOM   847 C C    . VAL A 1 52 ? 4.812   -14.380 13.425  1.00 0.00 ? 52 VAL A C    1 
ATOM   848 O O    . VAL A 1 52 ? 4.646   -14.690 14.610  1.00 0.00 ? 52 VAL A O    1 
ATOM   849 C CB   . VAL A 1 52 ? 6.064   -12.228 14.309  1.00 0.00 ? 52 VAL A CB   1 
ATOM   850 C CG1  . VAL A 1 52 ? 7.238   -11.271 14.003  1.00 0.00 ? 52 VAL A CG1  1 
ATOM   851 C CG2  . VAL A 1 52 ? 4.931   -11.437 15.019  1.00 0.00 ? 52 VAL A CG2  1 
ATOM   852 H H    . VAL A 1 52 ? 4.463   -11.370 12.458  1.00 0.00 ? 52 VAL A H    1 
ATOM   853 H HA   . VAL A 1 52 ? 6.572   -13.461 12.538  1.00 0.00 ? 52 VAL A HA   1 
ATOM   854 H HB   . VAL A 1 52 ? 6.426   -12.907 15.100  1.00 0.00 ? 52 VAL A HB   1 
ATOM   855 H HG11 . VAL A 1 52 ? 7.592   -10.749 14.912  1.00 0.00 ? 52 VAL A HG11 1 
ATOM   856 H HG12 . VAL A 1 52 ? 8.108   -11.817 13.593  1.00 0.00 ? 52 VAL A HG12 1 
ATOM   857 H HG13 . VAL A 1 52 ? 6.962   -10.493 13.267  1.00 0.00 ? 52 VAL A HG13 1 
ATOM   858 H HG21 . VAL A 1 52 ? 5.288   -10.965 15.955  1.00 0.00 ? 52 VAL A HG21 1 
ATOM   859 H HG22 . VAL A 1 52 ? 4.090   -12.094 15.304  1.00 0.00 ? 52 VAL A HG22 1 
ATOM   860 H HG23 . VAL A 1 52 ? 4.517   -10.628 14.388  1.00 0.00 ? 52 VAL A HG23 1 
ATOM   861 N N    . GLU A 1 53 ? 4.331   -15.157 12.426  1.00 0.00 ? 53 GLU A N    1 
ATOM   862 C CA   . GLU A 1 53 ? 3.556   -16.413 12.655  1.00 0.00 ? 53 GLU A CA   1 
ATOM   863 C C    . GLU A 1 53 ? 4.506   -17.591 13.020  1.00 0.00 ? 53 GLU A C    1 
ATOM   864 O O    . GLU A 1 53 ? 4.481   -18.054 14.165  1.00 0.00 ? 53 GLU A O    1 
ATOM   865 C CB   . GLU A 1 53 ? 2.698   -16.702 11.339  1.00 0.00 ? 53 GLU A CB   1 
ATOM   866 C CG   . GLU A 1 53 ? 1.381   -15.901 11.250  1.00 0.00 ? 53 GLU A CG   1 
ATOM   867 C CD   . GLU A 1 53 ? 0.314   -16.338 12.261  1.00 0.00 ? 53 GLU A CD   1 
ATOM   868 O OE1  . GLU A 1 53 ? -0.426  -17.306 12.087  1.00 0.00 ? 53 GLU A OE1  1 
ATOM   869 O OE2  . GLU A 1 53 ? 0.283   -15.530 13.369  1.00 0.00 ? 53 GLU A OE2  1 
ATOM   870 H H    . GLU A 1 53 ? 4.403   -14.755 11.484  1.00 0.00 ? 53 GLU A H    1 
ATOM   871 H HA   . GLU A 1 53 ? 2.944   -16.238 13.601  1.00 0.00 ? 53 GLU A HA   1 
ATOM   872 H HB2  . GLU A 1 53 ? 3.274   -16.514 10.391  1.00 0.00 ? 53 GLU A HB2  1 
ATOM   873 H HB3  . GLU A 1 53 ? 2.465   -17.780 11.162  1.00 0.00 ? 53 GLU A HB3  1 
ATOM   874 H HG2  . GLU A 1 53 ? 1.585   -14.818 11.351  1.00 0.00 ? 53 GLU A HG2  1 
ATOM   875 H HG3  . GLU A 1 53 ? 0.960   -16.016 10.235  1.00 0.00 ? 53 GLU A HG3  1 
ATOM   876 H HE2  . GLU A 1 53 ? 0.938   -14.829 13.321  1.00 0.00 ? 53 GLU A HE2  1 
ATOM   877 N N    . LYS A 1 54 ? 5.345   -18.051 12.071  1.00 0.00 ? 54 LYS A N    1 
ATOM   878 C CA   . LYS A 1 54 ? 6.338   -19.144 12.306  1.00 0.00 ? 54 LYS A CA   1 
ATOM   879 C C    . LYS A 1 54 ? 7.565   -18.751 13.196  1.00 0.00 ? 54 LYS A C    1 
ATOM   880 O O    . LYS A 1 54 ? 7.998   -19.574 14.009  1.00 0.00 ? 54 LYS A O    1 
ATOM   881 C CB   . LYS A 1 54 ? 6.782   -19.780 10.921  1.00 0.00 ? 54 LYS A CB   1 
ATOM   882 C CG   . LYS A 1 54 ? 7.625   -18.897 9.947   1.00 0.00 ? 54 LYS A CG   1 
ATOM   883 C CD   . LYS A 1 54 ? 8.976   -19.492 9.498   1.00 0.00 ? 54 LYS A CD   1 
ATOM   884 C CE   . LYS A 1 54 ? 10.036  -19.588 10.614  1.00 0.00 ? 54 LYS A CE   1 
ATOM   885 N NZ   . LYS A 1 54 ? 11.311  -20.122 10.107  1.00 0.00 ? 54 LYS A NZ   1 
ATOM   886 H H    . LYS A 1 54 ? 5.202   -17.580 11.173  1.00 0.00 ? 54 LYS A H    1 
ATOM   887 H HA   . LYS A 1 54 ? 5.799   -19.882 12.953  1.00 0.00 ? 54 LYS A HA   1 
ATOM   888 H HB2  . LYS A 1 54 ? 7.334   -20.730 11.071  1.00 0.00 ? 54 LYS A HB2  1 
ATOM   889 H HB3  . LYS A 1 54 ? 5.912   -20.129 10.325  1.00 0.00 ? 54 LYS A HB3  1 
ATOM   890 H HG2  . LYS A 1 54 ? 7.027   -18.717 9.034   1.00 0.00 ? 54 LYS A HG2  1 
ATOM   891 H HG3  . LYS A 1 54 ? 7.796   -17.885 10.356  1.00 0.00 ? 54 LYS A HG3  1 
ATOM   892 H HD2  . LYS A 1 54 ? 8.807   -20.489 9.048   1.00 0.00 ? 54 LYS A HD2  1 
ATOM   893 H HD3  . LYS A 1 54 ? 9.371   -18.864 8.677   1.00 0.00 ? 54 LYS A HD3  1 
ATOM   894 H HE2  . LYS A 1 54 ? 10.214  -18.593 11.062  1.00 0.00 ? 54 LYS A HE2  1 
ATOM   895 H HE3  . LYS A 1 54 ? 9.678   -20.236 11.436  1.00 0.00 ? 54 LYS A HE3  1 
ATOM   896 H HZ1  . LYS A 1 54 ? 12.006  -20.151 10.862  1.00 0.00 ? 54 LYS A HZ1  1 
ATOM   897 H HZ2  . LYS A 1 54 ? 11.700  -19.491 9.397   1.00 0.00 ? 54 LYS A HZ2  1 
ATOM   898 N N    . ALA A 1 55 ? 8.108   -17.523 13.059  1.00 0.00 ? 55 ALA A N    1 
ATOM   899 C CA   . ALA A 1 55 ? 9.262   -17.039 13.842  1.00 0.00 ? 55 ALA A CA   1 
ATOM   900 C C    . ALA A 1 55 ? 8.828   -16.516 15.237  1.00 0.00 ? 55 ALA A C    1 
ATOM   901 O O    . ALA A 1 55 ? 7.996   -15.615 15.369  1.00 0.00 ? 55 ALA A O    1 
ATOM   902 C CB   . ALA A 1 55 ? 9.986   -15.941 13.040  1.00 0.00 ? 55 ALA A CB   1 
ATOM   903 H H    . ALA A 1 55 ? 7.732   -16.982 12.282  1.00 0.00 ? 55 ALA A H    1 
ATOM   904 H HA   . ALA A 1 55 ? 9.971   -17.878 13.931  1.00 0.00 ? 55 ALA A HA   1 
ATOM   905 H HB1  . ALA A 1 55 ? 9.347   -15.054 12.868  1.00 0.00 ? 55 ALA A HB1  1 
ATOM   906 H HB2  . ALA A 1 55 ? 10.317  -16.304 12.049  1.00 0.00 ? 55 ALA A HB2  1 
ATOM   907 H HB3  . ALA A 1 55 ? 10.894  -15.592 13.566  1.00 0.00 ? 55 ALA A HB3  1 
HETATM 908 N N    . NH2 A 1 56 ? 9.383   -17.068 16.307  1.00 0.00 ? 56 NH2 A N    1 
HETATM 909 H HN1  . NH2 A 1 56 ? 9.085   -16.704 17.220  1.00 0.00 ? 56 NH2 A HN1  1 
HETATM 910 H HN2  . NH2 A 1 56 ? 10.069  -17.811 16.137  1.00 0.00 ? 56 NH2 A HN2  1 
# 
